data_2YZT
# 
_entry.id   2YZT 
# 
_audit_conform.dict_name       mmcif_pdbx.dic 
_audit_conform.dict_version    5.397 
_audit_conform.dict_location   http://mmcif.pdb.org/dictionaries/ascii/mmcif_pdbx.dic 
# 
loop_
_database_2.database_id 
_database_2.database_code 
_database_2.pdbx_database_accession 
_database_2.pdbx_DOI 
PDB   2YZT         pdb_00002yzt 10.2210/pdb2yzt/pdb 
RCSB  RCSB027341   ?            ?                   
WWPDB D_1000027341 ?            ?                   
# 
loop_
_pdbx_audit_revision_history.ordinal 
_pdbx_audit_revision_history.data_content_type 
_pdbx_audit_revision_history.major_revision 
_pdbx_audit_revision_history.minor_revision 
_pdbx_audit_revision_history.revision_date 
1 'Structure model' 1 0 2007-11-06 
2 'Structure model' 1 1 2011-07-13 
3 'Structure model' 1 2 2017-10-11 
4 'Structure model' 1 3 2024-10-30 
# 
_pdbx_audit_revision_details.ordinal             1 
_pdbx_audit_revision_details.revision_ordinal    1 
_pdbx_audit_revision_details.data_content_type   'Structure model' 
_pdbx_audit_revision_details.provider            repository 
_pdbx_audit_revision_details.type                'Initial release' 
_pdbx_audit_revision_details.description         ? 
_pdbx_audit_revision_details.details             ? 
# 
loop_
_pdbx_audit_revision_group.ordinal 
_pdbx_audit_revision_group.revision_ordinal 
_pdbx_audit_revision_group.data_content_type 
_pdbx_audit_revision_group.group 
1 2 'Structure model' 'Source and taxonomy'       
2 2 'Structure model' 'Version format compliance' 
3 3 'Structure model' 'Refinement description'    
4 4 'Structure model' 'Data collection'           
5 4 'Structure model' 'Database references'       
6 4 'Structure model' 'Derived calculations'      
7 4 'Structure model' 'Structure summary'         
# 
loop_
_pdbx_audit_revision_category.ordinal 
_pdbx_audit_revision_category.revision_ordinal 
_pdbx_audit_revision_category.data_content_type 
_pdbx_audit_revision_category.category 
1 3 'Structure model' software                  
2 4 'Structure model' chem_comp_atom            
3 4 'Structure model' chem_comp_bond            
4 4 'Structure model' database_2                
5 4 'Structure model' pdbx_entry_details        
6 4 'Structure model' pdbx_modification_feature 
7 4 'Structure model' struct_conn               
# 
loop_
_pdbx_audit_revision_item.ordinal 
_pdbx_audit_revision_item.revision_ordinal 
_pdbx_audit_revision_item.data_content_type 
_pdbx_audit_revision_item.item 
1 4 'Structure model' '_database_2.pdbx_DOI'                
2 4 'Structure model' '_database_2.pdbx_database_accession' 
3 4 'Structure model' '_struct_conn.pdbx_leaving_atom_flag' 
# 
_pdbx_database_status.status_code                     REL 
_pdbx_database_status.entry_id                        2YZT 
_pdbx_database_status.recvd_initial_deposition_date   2007-05-06 
_pdbx_database_status.deposit_site                    PDBJ 
_pdbx_database_status.process_site                    PDBJ 
_pdbx_database_status.status_code_sf                  REL 
_pdbx_database_status.status_code_mr                  ? 
_pdbx_database_status.SG_entry                        Y 
_pdbx_database_status.pdb_format_compatible           Y 
_pdbx_database_status.status_code_cs                  ? 
_pdbx_database_status.methods_development_category    ? 
_pdbx_database_status.status_code_nmr_data            ? 
# 
_pdbx_database_related.db_name        TargetDB 
_pdbx_database_related.db_id          ttk003001759.1 
_pdbx_database_related.details        . 
_pdbx_database_related.content_type   unspecified 
# 
loop_
_audit_author.name 
_audit_author.pdbx_ordinal 
'Ebihara, A.'                                            1 
'Yokoyama, S.'                                           2 
'Kuramitsu, S.'                                          3 
'RIKEN Structural Genomics/Proteomics Initiative (RSGI)' 4 
# 
_citation.id                        primary 
_citation.title                     
'Crystal structure of uncharacterized protein TTHA1756 from Thermus thermophilus HB8: Structural variety in UPF0150 family proteins.' 
_citation.journal_abbrev            Proteins 
_citation.journal_volume            71 
_citation.page_first                2097 
_citation.page_last                 2101 
_citation.year                      2008 
_citation.journal_id_ASTM           PSFGEY 
_citation.country                   US 
_citation.journal_id_ISSN           0887-3585 
_citation.journal_id_CSD            0867 
_citation.book_publisher            ? 
_citation.pdbx_database_id_PubMed   18338381 
_citation.pdbx_database_id_DOI      10.1002/prot.22018 
# 
loop_
_citation_author.citation_id 
_citation_author.name 
_citation_author.ordinal 
_citation_author.identifier_ORCID 
primary 'Ebihara, A.'   1 ? 
primary 'Manzoku, M.'   2 ? 
primary 'Iino, H.'      3 ? 
primary 'Kanagawa, M.'  4 ? 
primary 'Shinkai, A.'   5 ? 
primary 'Yokoyama, S.'  6 ? 
primary 'Kuramitsu, S.' 7 ? 
# 
loop_
_entity.id 
_entity.type 
_entity.src_method 
_entity.pdbx_description 
_entity.formula_weight 
_entity.pdbx_number_of_molecules 
_entity.pdbx_ec 
_entity.pdbx_mutation 
_entity.pdbx_fragment 
_entity.details 
1 polymer man 'Putative uncharacterized protein TTHA1756' 7790.551 1  ? ? ? ? 
2 water   nat water                                       18.015   33 ? ? ? ? 
# 
_entity_poly.entity_id                      1 
_entity_poly.type                           'polypeptide(L)' 
_entity_poly.nstd_linkage                   no 
_entity_poly.nstd_monomer                   yes 
_entity_poly.pdbx_seq_one_letter_code       '(MSE)RRRYRVVVERDEEGYFVAHVPELHAHTQAQSFEELLRRLQEAIAVSLEEERAEVVGLEGALEIEAA' 
_entity_poly.pdbx_seq_one_letter_code_can   MRRRYRVVVERDEEGYFVAHVPELHAHTQAQSFEELLRRLQEAIAVSLEEERAEVVGLEGALEIEAA 
_entity_poly.pdbx_strand_id                 A 
_entity_poly.pdbx_target_identifier         ttk003001759.1 
# 
_pdbx_entity_nonpoly.entity_id   2 
_pdbx_entity_nonpoly.name        water 
_pdbx_entity_nonpoly.comp_id     HOH 
# 
loop_
_entity_poly_seq.entity_id 
_entity_poly_seq.num 
_entity_poly_seq.mon_id 
_entity_poly_seq.hetero 
1 1  MSE n 
1 2  ARG n 
1 3  ARG n 
1 4  ARG n 
1 5  TYR n 
1 6  ARG n 
1 7  VAL n 
1 8  VAL n 
1 9  VAL n 
1 10 GLU n 
1 11 ARG n 
1 12 ASP n 
1 13 GLU n 
1 14 GLU n 
1 15 GLY n 
1 16 TYR n 
1 17 PHE n 
1 18 VAL n 
1 19 ALA n 
1 20 HIS n 
1 21 VAL n 
1 22 PRO n 
1 23 GLU n 
1 24 LEU n 
1 25 HIS n 
1 26 ALA n 
1 27 HIS n 
1 28 THR n 
1 29 GLN n 
1 30 ALA n 
1 31 GLN n 
1 32 SER n 
1 33 PHE n 
1 34 GLU n 
1 35 GLU n 
1 36 LEU n 
1 37 LEU n 
1 38 ARG n 
1 39 ARG n 
1 40 LEU n 
1 41 GLN n 
1 42 GLU n 
1 43 ALA n 
1 44 ILE n 
1 45 ALA n 
1 46 VAL n 
1 47 SER n 
1 48 LEU n 
1 49 GLU n 
1 50 GLU n 
1 51 GLU n 
1 52 ARG n 
1 53 ALA n 
1 54 GLU n 
1 55 VAL n 
1 56 VAL n 
1 57 GLY n 
1 58 LEU n 
1 59 GLU n 
1 60 GLY n 
1 61 ALA n 
1 62 LEU n 
1 63 GLU n 
1 64 ILE n 
1 65 GLU n 
1 66 ALA n 
1 67 ALA n 
# 
_entity_src_gen.entity_id                          1 
_entity_src_gen.pdbx_src_id                        1 
_entity_src_gen.pdbx_alt_source_flag               sample 
_entity_src_gen.pdbx_seq_type                      ? 
_entity_src_gen.pdbx_beg_seq_num                   ? 
_entity_src_gen.pdbx_end_seq_num                   ? 
_entity_src_gen.gene_src_common_name               ? 
_entity_src_gen.gene_src_genus                     Thermus 
_entity_src_gen.pdbx_gene_src_gene                 ? 
_entity_src_gen.gene_src_species                   'Thermus thermophilus' 
_entity_src_gen.gene_src_strain                    HB8 
_entity_src_gen.gene_src_tissue                    ? 
_entity_src_gen.gene_src_tissue_fraction           ? 
_entity_src_gen.gene_src_details                   ? 
_entity_src_gen.pdbx_gene_src_fragment             ? 
_entity_src_gen.pdbx_gene_src_scientific_name      'Thermus thermophilus' 
_entity_src_gen.pdbx_gene_src_ncbi_taxonomy_id     300852 
_entity_src_gen.pdbx_gene_src_variant              ? 
_entity_src_gen.pdbx_gene_src_cell_line            ? 
_entity_src_gen.pdbx_gene_src_atcc                 ? 
_entity_src_gen.pdbx_gene_src_organ                ? 
_entity_src_gen.pdbx_gene_src_organelle            ? 
_entity_src_gen.pdbx_gene_src_cell                 ? 
_entity_src_gen.pdbx_gene_src_cellular_location    ? 
_entity_src_gen.host_org_common_name               ? 
_entity_src_gen.pdbx_host_org_scientific_name      'Escherichia coli' 
_entity_src_gen.pdbx_host_org_ncbi_taxonomy_id     562 
_entity_src_gen.host_org_genus                     Escherichia 
_entity_src_gen.pdbx_host_org_gene                 ? 
_entity_src_gen.pdbx_host_org_organ                ? 
_entity_src_gen.host_org_species                   ? 
_entity_src_gen.pdbx_host_org_tissue               ? 
_entity_src_gen.pdbx_host_org_tissue_fraction      ? 
_entity_src_gen.pdbx_host_org_strain               'B834(DE3)' 
_entity_src_gen.pdbx_host_org_variant              ? 
_entity_src_gen.pdbx_host_org_cell_line            ? 
_entity_src_gen.pdbx_host_org_atcc                 ? 
_entity_src_gen.pdbx_host_org_culture_collection   ? 
_entity_src_gen.pdbx_host_org_cell                 ? 
_entity_src_gen.pdbx_host_org_organelle            ? 
_entity_src_gen.pdbx_host_org_cellular_location    ? 
_entity_src_gen.pdbx_host_org_vector_type          Plasmid 
_entity_src_gen.pdbx_host_org_vector               ? 
_entity_src_gen.host_org_details                   ? 
_entity_src_gen.expression_system_id               ? 
_entity_src_gen.plasmid_name                       pET-11a 
_entity_src_gen.plasmid_details                    ? 
_entity_src_gen.pdbx_description                   ? 
# 
loop_
_chem_comp.id 
_chem_comp.type 
_chem_comp.mon_nstd_flag 
_chem_comp.name 
_chem_comp.pdbx_synonyms 
_chem_comp.formula 
_chem_comp.formula_weight 
ALA 'L-peptide linking' y ALANINE          ? 'C3 H7 N O2'     89.093  
ARG 'L-peptide linking' y ARGININE         ? 'C6 H15 N4 O2 1' 175.209 
ASP 'L-peptide linking' y 'ASPARTIC ACID'  ? 'C4 H7 N O4'     133.103 
GLN 'L-peptide linking' y GLUTAMINE        ? 'C5 H10 N2 O3'   146.144 
GLU 'L-peptide linking' y 'GLUTAMIC ACID'  ? 'C5 H9 N O4'     147.129 
GLY 'peptide linking'   y GLYCINE          ? 'C2 H5 N O2'     75.067  
HIS 'L-peptide linking' y HISTIDINE        ? 'C6 H10 N3 O2 1' 156.162 
HOH non-polymer         . WATER            ? 'H2 O'           18.015  
ILE 'L-peptide linking' y ISOLEUCINE       ? 'C6 H13 N O2'    131.173 
LEU 'L-peptide linking' y LEUCINE          ? 'C6 H13 N O2'    131.173 
MSE 'L-peptide linking' n SELENOMETHIONINE ? 'C5 H11 N O2 Se' 196.106 
PHE 'L-peptide linking' y PHENYLALANINE    ? 'C9 H11 N O2'    165.189 
PRO 'L-peptide linking' y PROLINE          ? 'C5 H9 N O2'     115.130 
SER 'L-peptide linking' y SERINE           ? 'C3 H7 N O3'     105.093 
THR 'L-peptide linking' y THREONINE        ? 'C4 H9 N O3'     119.119 
TYR 'L-peptide linking' y TYROSINE         ? 'C9 H11 N O3'    181.189 
VAL 'L-peptide linking' y VALINE           ? 'C5 H11 N O2'    117.146 
# 
loop_
_pdbx_poly_seq_scheme.asym_id 
_pdbx_poly_seq_scheme.entity_id 
_pdbx_poly_seq_scheme.seq_id 
_pdbx_poly_seq_scheme.mon_id 
_pdbx_poly_seq_scheme.ndb_seq_num 
_pdbx_poly_seq_scheme.pdb_seq_num 
_pdbx_poly_seq_scheme.auth_seq_num 
_pdbx_poly_seq_scheme.pdb_mon_id 
_pdbx_poly_seq_scheme.auth_mon_id 
_pdbx_poly_seq_scheme.pdb_strand_id 
_pdbx_poly_seq_scheme.pdb_ins_code 
_pdbx_poly_seq_scheme.hetero 
A 1 1  MSE 1  1  1  MSE MSE A . n 
A 1 2  ARG 2  2  2  ARG ARG A . n 
A 1 3  ARG 3  3  3  ARG ARG A . n 
A 1 4  ARG 4  4  4  ARG ARG A . n 
A 1 5  TYR 5  5  5  TYR TYR A . n 
A 1 6  ARG 6  6  6  ARG ARG A . n 
A 1 7  VAL 7  7  7  VAL VAL A . n 
A 1 8  VAL 8  8  8  VAL VAL A . n 
A 1 9  VAL 9  9  9  VAL VAL A . n 
A 1 10 GLU 10 10 10 GLU GLU A . n 
A 1 11 ARG 11 11 11 ARG ARG A . n 
A 1 12 ASP 12 12 12 ASP ASP A . n 
A 1 13 GLU 13 13 13 GLU GLU A . n 
A 1 14 GLU 14 14 14 GLU GLU A . n 
A 1 15 GLY 15 15 15 GLY GLY A . n 
A 1 16 TYR 16 16 16 TYR TYR A . n 
A 1 17 PHE 17 17 17 PHE PHE A . n 
A 1 18 VAL 18 18 18 VAL VAL A . n 
A 1 19 ALA 19 19 19 ALA ALA A . n 
A 1 20 HIS 20 20 20 HIS HIS A . n 
A 1 21 VAL 21 21 21 VAL VAL A . n 
A 1 22 PRO 22 22 22 PRO PRO A . n 
A 1 23 GLU 23 23 23 GLU GLU A . n 
A 1 24 LEU 24 24 24 LEU LEU A . n 
A 1 25 HIS 25 25 25 HIS HIS A . n 
A 1 26 ALA 26 26 26 ALA ALA A . n 
A 1 27 HIS 27 27 27 HIS HIS A . n 
A 1 28 THR 28 28 28 THR THR A . n 
A 1 29 GLN 29 29 29 GLN GLN A . n 
A 1 30 ALA 30 30 30 ALA ALA A . n 
A 1 31 GLN 31 31 31 GLN GLN A . n 
A 1 32 SER 32 32 32 SER SER A . n 
A 1 33 PHE 33 33 33 PHE PHE A . n 
A 1 34 GLU 34 34 34 GLU GLU A . n 
A 1 35 GLU 35 35 35 GLU GLU A . n 
A 1 36 LEU 36 36 36 LEU LEU A . n 
A 1 37 LEU 37 37 37 LEU LEU A . n 
A 1 38 ARG 38 38 38 ARG ARG A . n 
A 1 39 ARG 39 39 39 ARG ARG A . n 
A 1 40 LEU 40 40 40 LEU LEU A . n 
A 1 41 GLN 41 41 41 GLN GLN A . n 
A 1 42 GLU 42 42 42 GLU GLU A . n 
A 1 43 ALA 43 43 43 ALA ALA A . n 
A 1 44 ILE 44 44 44 ILE ILE A . n 
A 1 45 ALA 45 45 45 ALA ALA A . n 
A 1 46 VAL 46 46 46 VAL VAL A . n 
A 1 47 SER 47 47 47 SER SER A . n 
A 1 48 LEU 48 48 48 LEU LEU A . n 
A 1 49 GLU 49 49 49 GLU GLU A . n 
A 1 50 GLU 50 50 50 GLU GLU A . n 
A 1 51 GLU 51 51 51 GLU GLU A . n 
A 1 52 ARG 52 52 52 ARG ARG A . n 
A 1 53 ALA 53 53 53 ALA ALA A . n 
A 1 54 GLU 54 54 54 GLU GLU A . n 
A 1 55 VAL 55 55 55 VAL VAL A . n 
A 1 56 VAL 56 56 56 VAL VAL A . n 
A 1 57 GLY 57 57 57 GLY GLY A . n 
A 1 58 LEU 58 58 58 LEU LEU A . n 
A 1 59 GLU 59 59 59 GLU GLU A . n 
A 1 60 GLY 60 60 60 GLY GLY A . n 
A 1 61 ALA 61 61 61 ALA ALA A . n 
A 1 62 LEU 62 62 62 LEU LEU A . n 
A 1 63 GLU 63 63 63 GLU GLU A . n 
A 1 64 ILE 64 64 64 ILE ILE A . n 
A 1 65 GLU 65 65 65 GLU GLU A . n 
A 1 66 ALA 66 66 66 ALA ALA A . n 
A 1 67 ALA 67 67 67 ALA ALA A . n 
# 
loop_
_pdbx_nonpoly_scheme.asym_id 
_pdbx_nonpoly_scheme.entity_id 
_pdbx_nonpoly_scheme.mon_id 
_pdbx_nonpoly_scheme.ndb_seq_num 
_pdbx_nonpoly_scheme.pdb_seq_num 
_pdbx_nonpoly_scheme.auth_seq_num 
_pdbx_nonpoly_scheme.pdb_mon_id 
_pdbx_nonpoly_scheme.auth_mon_id 
_pdbx_nonpoly_scheme.pdb_strand_id 
_pdbx_nonpoly_scheme.pdb_ins_code 
B 2 HOH 1  68  1  HOH HOH A . 
B 2 HOH 2  69  2  HOH HOH A . 
B 2 HOH 3  70  3  HOH HOH A . 
B 2 HOH 4  71  4  HOH HOH A . 
B 2 HOH 5  72  5  HOH HOH A . 
B 2 HOH 6  73  6  HOH HOH A . 
B 2 HOH 7  74  7  HOH HOH A . 
B 2 HOH 8  75  8  HOH HOH A . 
B 2 HOH 9  76  9  HOH HOH A . 
B 2 HOH 10 77  10 HOH HOH A . 
B 2 HOH 11 78  11 HOH HOH A . 
B 2 HOH 12 79  12 HOH HOH A . 
B 2 HOH 13 80  13 HOH HOH A . 
B 2 HOH 14 81  14 HOH HOH A . 
B 2 HOH 15 82  15 HOH HOH A . 
B 2 HOH 16 83  16 HOH HOH A . 
B 2 HOH 17 84  17 HOH HOH A . 
B 2 HOH 18 85  18 HOH HOH A . 
B 2 HOH 19 86  19 HOH HOH A . 
B 2 HOH 20 87  20 HOH HOH A . 
B 2 HOH 21 88  21 HOH HOH A . 
B 2 HOH 22 89  22 HOH HOH A . 
B 2 HOH 23 90  23 HOH HOH A . 
B 2 HOH 24 91  24 HOH HOH A . 
B 2 HOH 25 92  25 HOH HOH A . 
B 2 HOH 26 93  26 HOH HOH A . 
B 2 HOH 27 94  27 HOH HOH A . 
B 2 HOH 28 95  28 HOH HOH A . 
B 2 HOH 29 96  29 HOH HOH A . 
B 2 HOH 30 97  30 HOH HOH A . 
B 2 HOH 31 98  31 HOH HOH A . 
B 2 HOH 32 99  32 HOH HOH A . 
B 2 HOH 33 100 33 HOH HOH A . 
# 
loop_
_software.name 
_software.classification 
_software.version 
_software.citation_id 
_software.pdbx_ordinal 
CNS      refinement       1.1 ? 1 
HKL-2000 'data reduction' .   ? 2 
HKL-2000 'data scaling'   .   ? 3 
SOLVE    phasing          .   ? 4 
# 
_cell.entry_id           2YZT 
_cell.length_a           50.152 
_cell.length_b           50.152 
_cell.length_c           46.817 
_cell.angle_alpha        90.00 
_cell.angle_beta         90.00 
_cell.angle_gamma        120.00 
_cell.Z_PDB              6 
_cell.pdbx_unique_axis   ? 
_cell.length_a_esd       ? 
_cell.length_b_esd       ? 
_cell.length_c_esd       ? 
_cell.angle_alpha_esd    ? 
_cell.angle_beta_esd     ? 
_cell.angle_gamma_esd    ? 
# 
_symmetry.entry_id                         2YZT 
_symmetry.space_group_name_H-M             'P 31 2 1' 
_symmetry.pdbx_full_space_group_name_H-M   ? 
_symmetry.cell_setting                     ? 
_symmetry.Int_Tables_number                152 
_symmetry.space_group_name_Hall            ? 
# 
_exptl.entry_id          2YZT 
_exptl.method            'X-RAY DIFFRACTION' 
_exptl.crystals_number   1 
# 
_exptl_crystal.id                    1 
_exptl_crystal.density_meas          ? 
_exptl_crystal.density_Matthews      2.18 
_exptl_crystal.density_percent_sol   43.62 
_exptl_crystal.description           ? 
_exptl_crystal.F_000                 ? 
_exptl_crystal.preparation           ? 
# 
_exptl_crystal_grow.crystal_id      1 
_exptl_crystal_grow.method          'VAPOR DIFFUSION, HANGING DROP' 
_exptl_crystal_grow.temp            293 
_exptl_crystal_grow.temp_details    ? 
_exptl_crystal_grow.pH              5.0 
_exptl_crystal_grow.pdbx_details    
'0.2M di-Ammonium H citrate, 0.1M Sodium citrate pH5.0, 15% PEG3350, 10MM Phenol, VAPOR DIFFUSION, HANGING DROP, temperature 293K' 
_exptl_crystal_grow.pdbx_pH_range   . 
# 
_diffrn.id                     1 
_diffrn.ambient_temp           100 
_diffrn.ambient_temp_details   ? 
_diffrn.crystal_id             1 
# 
_diffrn_detector.diffrn_id              1 
_diffrn_detector.detector               CCD 
_diffrn_detector.type                   'RIGAKU JUPITER 210' 
_diffrn_detector.pdbx_collection_date   2006-11-18 
_diffrn_detector.details                ? 
# 
_diffrn_radiation.diffrn_id                        1 
_diffrn_radiation.wavelength_id                    1 
_diffrn_radiation.pdbx_monochromatic_or_laue_m_l   M 
_diffrn_radiation.monochromator                    'SI Double-Crystal' 
_diffrn_radiation.pdbx_diffrn_protocol             MAD 
_diffrn_radiation.pdbx_scattering_type             x-ray 
# 
loop_
_diffrn_radiation_wavelength.id 
_diffrn_radiation_wavelength.wavelength 
_diffrn_radiation_wavelength.wt 
1 0.9789 1.0 
2 0.9000 1.0 
3 0.9794 1.0 
# 
_diffrn_source.diffrn_id                   1 
_diffrn_source.source                      SYNCHROTRON 
_diffrn_source.type                        'SPRING-8 BEAMLINE BL26B2' 
_diffrn_source.pdbx_synchrotron_site       SPring-8 
_diffrn_source.pdbx_synchrotron_beamline   BL26B2 
_diffrn_source.pdbx_wavelength             ? 
_diffrn_source.pdbx_wavelength_list        '0.9789, 0.9000, 0.9794' 
# 
_reflns.entry_id                     2YZT 
_reflns.observed_criterion_sigma_I   ? 
_reflns.observed_criterion_sigma_F   ? 
_reflns.d_resolution_low             50 
_reflns.d_resolution_high            1.8 
_reflns.number_obs                   6606 
_reflns.number_all                   ? 
_reflns.percent_possible_obs         99.9 
_reflns.pdbx_Rmerge_I_obs            0.051 
_reflns.pdbx_Rsym_value              ? 
_reflns.pdbx_netI_over_sigmaI        39.6 
_reflns.B_iso_Wilson_estimate        16.8 
_reflns.pdbx_redundancy              9.9 
_reflns.R_free_details               ? 
_reflns.limit_h_max                  ? 
_reflns.limit_h_min                  ? 
_reflns.limit_k_max                  ? 
_reflns.limit_k_min                  ? 
_reflns.limit_l_max                  ? 
_reflns.limit_l_min                  ? 
_reflns.observed_criterion_F_max     ? 
_reflns.observed_criterion_F_min     ? 
_reflns.pdbx_chi_squared             ? 
_reflns.pdbx_scaling_rejects         ? 
_reflns.pdbx_ordinal                 1 
_reflns.pdbx_diffrn_id               1 
# 
_reflns_shell.d_res_high             1.80 
_reflns_shell.d_res_low              1.86 
_reflns_shell.percent_possible_all   99.4 
_reflns_shell.Rmerge_I_obs           0.197 
_reflns_shell.pdbx_Rsym_value        ? 
_reflns_shell.meanI_over_sigI_obs    9.2 
_reflns_shell.pdbx_redundancy        8.2 
_reflns_shell.percent_possible_obs   ? 
_reflns_shell.number_unique_all      ? 
_reflns_shell.number_measured_all    ? 
_reflns_shell.number_measured_obs    ? 
_reflns_shell.number_unique_obs      ? 
_reflns_shell.pdbx_chi_squared       ? 
_reflns_shell.pdbx_ordinal           1 
_reflns_shell.pdbx_diffrn_id         1 
# 
_refine.entry_id                                 2YZT 
_refine.ls_number_reflns_obs                     6570 
_refine.ls_number_reflns_all                     ? 
_refine.pdbx_ls_sigma_I                          ? 
_refine.pdbx_ls_sigma_F                          0.0 
_refine.pdbx_data_cutoff_high_absF               809313.02 
_refine.pdbx_data_cutoff_low_absF                0.000000 
_refine.pdbx_data_cutoff_high_rms_absF           ? 
_refine.ls_d_res_low                             43.43 
_refine.ls_d_res_high                            1.80 
_refine.ls_percent_reflns_obs                    99.7 
_refine.ls_R_factor_obs                          0.242 
_refine.ls_R_factor_all                          ? 
_refine.ls_R_factor_R_work                       0.242 
_refine.ls_R_factor_R_free                       0.271 
_refine.ls_R_factor_R_free_error                 0.010 
_refine.ls_R_factor_R_free_error_details         ? 
_refine.ls_percent_reflns_R_free                 10.9 
_refine.ls_number_reflns_R_free                  717 
_refine.ls_number_parameters                     ? 
_refine.ls_number_restraints                     ? 
_refine.occupancy_min                            ? 
_refine.occupancy_max                            ? 
_refine.correlation_coeff_Fo_to_Fc               ? 
_refine.correlation_coeff_Fo_to_Fc_free          ? 
_refine.B_iso_mean                               23.5 
_refine.aniso_B[1][1]                            4.20 
_refine.aniso_B[2][2]                            4.20 
_refine.aniso_B[3][3]                            -8.39 
_refine.aniso_B[1][2]                            2.53 
_refine.aniso_B[1][3]                            0.00 
_refine.aniso_B[2][3]                            0.00 
_refine.solvent_model_details                    'FLAT MODEL' 
_refine.solvent_model_param_ksol                 0.378129 
_refine.solvent_model_param_bsol                 57.9426 
_refine.pdbx_solvent_vdw_probe_radii             ? 
_refine.pdbx_solvent_ion_probe_radii             ? 
_refine.pdbx_solvent_shrinkage_radii             ? 
_refine.pdbx_ls_cross_valid_method               THROUGHOUT 
_refine.details                                  ? 
_refine.pdbx_starting_model                      ? 
_refine.pdbx_method_to_determine_struct          MAD 
_refine.pdbx_isotropic_thermal_model             RESTRAINED 
_refine.pdbx_stereochemistry_target_values       'Engh & Huber' 
_refine.pdbx_stereochem_target_val_spec_case     ? 
_refine.pdbx_R_Free_selection_details            RANDOM 
_refine.pdbx_overall_ESU_R                       ? 
_refine.pdbx_overall_ESU_R_Free                  ? 
_refine.overall_SU_ML                            ? 
_refine.overall_SU_B                             ? 
_refine.ls_redundancy_reflns_obs                 ? 
_refine.B_iso_min                                ? 
_refine.B_iso_max                                ? 
_refine.overall_SU_R_Cruickshank_DPI             ? 
_refine.overall_SU_R_free                        ? 
_refine.ls_wR_factor_R_free                      ? 
_refine.ls_wR_factor_R_work                      ? 
_refine.overall_FOM_free_R_set                   ? 
_refine.overall_FOM_work_R_set                   ? 
_refine.pdbx_refine_id                           'X-RAY DIFFRACTION' 
_refine.pdbx_diffrn_id                           1 
_refine.pdbx_TLS_residual_ADP_flag               ? 
_refine.pdbx_overall_phase_error                 ? 
_refine.pdbx_overall_SU_R_free_Cruickshank_DPI   ? 
_refine.pdbx_overall_SU_R_Blow_DPI               ? 
_refine.pdbx_overall_SU_R_free_Blow_DPI          ? 
# 
_refine_analyze.entry_id                        2YZT 
_refine_analyze.Luzzati_coordinate_error_obs    0.25 
_refine_analyze.Luzzati_sigma_a_obs             0.18 
_refine_analyze.Luzzati_d_res_low_obs           5.00 
_refine_analyze.Luzzati_coordinate_error_free   0.29 
_refine_analyze.Luzzati_sigma_a_free            0.22 
_refine_analyze.Luzzati_d_res_low_free          ? 
_refine_analyze.number_disordered_residues      ? 
_refine_analyze.occupancy_sum_hydrogen          ? 
_refine_analyze.occupancy_sum_non_hydrogen      ? 
_refine_analyze.pdbx_Luzzati_d_res_high_obs     ? 
_refine_analyze.pdbx_refine_id                  'X-RAY DIFFRACTION' 
# 
_refine_hist.pdbx_refine_id                   'X-RAY DIFFRACTION' 
_refine_hist.cycle_id                         LAST 
_refine_hist.pdbx_number_atoms_protein        545 
_refine_hist.pdbx_number_atoms_nucleic_acid   0 
_refine_hist.pdbx_number_atoms_ligand         0 
_refine_hist.number_atoms_solvent             33 
_refine_hist.number_atoms_total               578 
_refine_hist.d_res_high                       1.80 
_refine_hist.d_res_low                        43.43 
# 
loop_
_refine_ls_restr.type 
_refine_ls_restr.dev_ideal 
_refine_ls_restr.dev_ideal_target 
_refine_ls_restr.weight 
_refine_ls_restr.number 
_refine_ls_restr.pdbx_refine_id 
_refine_ls_restr.pdbx_restraint_function 
c_bond_d                0.005 ?    ? ? 'X-RAY DIFFRACTION' ? 
c_bond_d_na             ?     ?    ? ? 'X-RAY DIFFRACTION' ? 
c_bond_d_prot           ?     ?    ? ? 'X-RAY DIFFRACTION' ? 
c_angle_d               ?     ?    ? ? 'X-RAY DIFFRACTION' ? 
c_angle_d_na            ?     ?    ? ? 'X-RAY DIFFRACTION' ? 
c_angle_d_prot          ?     ?    ? ? 'X-RAY DIFFRACTION' ? 
c_angle_deg             1.2   ?    ? ? 'X-RAY DIFFRACTION' ? 
c_angle_deg_na          ?     ?    ? ? 'X-RAY DIFFRACTION' ? 
c_angle_deg_prot        ?     ?    ? ? 'X-RAY DIFFRACTION' ? 
c_dihedral_angle_d      24.4  ?    ? ? 'X-RAY DIFFRACTION' ? 
c_dihedral_angle_d_na   ?     ?    ? ? 'X-RAY DIFFRACTION' ? 
c_dihedral_angle_d_prot ?     ?    ? ? 'X-RAY DIFFRACTION' ? 
c_improper_angle_d      0.63  ?    ? ? 'X-RAY DIFFRACTION' ? 
c_improper_angle_d_na   ?     ?    ? ? 'X-RAY DIFFRACTION' ? 
c_improper_angle_d_prot ?     ?    ? ? 'X-RAY DIFFRACTION' ? 
c_mcbond_it             1.42  1.50 ? ? 'X-RAY DIFFRACTION' ? 
c_mcangle_it            1.96  2.00 ? ? 'X-RAY DIFFRACTION' ? 
c_scbond_it             2.57  2.00 ? ? 'X-RAY DIFFRACTION' ? 
c_scangle_it            3.96  2.50 ? ? 'X-RAY DIFFRACTION' ? 
# 
_refine_ls_shell.pdbx_total_number_of_bins_used   6 
_refine_ls_shell.d_res_high                       1.80 
_refine_ls_shell.d_res_low                        1.91 
_refine_ls_shell.number_reflns_R_work             952 
_refine_ls_shell.R_factor_R_work                  0.290 
_refine_ls_shell.percent_reflns_obs               98.7 
_refine_ls_shell.R_factor_R_free                  0.355 
_refine_ls_shell.R_factor_R_free_error            0.035 
_refine_ls_shell.percent_reflns_R_free            9.7 
_refine_ls_shell.number_reflns_R_free             102 
_refine_ls_shell.number_reflns_all                ? 
_refine_ls_shell.R_factor_all                     ? 
_refine_ls_shell.number_reflns_obs                ? 
_refine_ls_shell.redundancy_reflns_obs            ? 
_refine_ls_shell.pdbx_refine_id                   'X-RAY DIFFRACTION' 
# 
loop_
_pdbx_xplor_file.serial_no 
_pdbx_xplor_file.param_file 
_pdbx_xplor_file.topol_file 
_pdbx_xplor_file.pdbx_refine_id 
1 protein_rep.param protein.top 'X-RAY DIFFRACTION' 
2 water_rep.param   water.top   'X-RAY DIFFRACTION' 
# 
_struct.entry_id                  2YZT 
_struct.title                     'Crystal structure of uncharacterized conserved protein from Thermus thermophilus HB8' 
_struct.pdbx_model_details        ? 
_struct.pdbx_CASP_flag            ? 
_struct.pdbx_model_type_details   ? 
# 
_struct_keywords.entry_id        2YZT 
_struct_keywords.pdbx_keywords   'STRUCTURAL GENOMICS, UNKNOWN FUNCTION' 
_struct_keywords.text            
;Uncharacterized conserved protein, STRUCTURAL GENOMICS, UNKNOWN FUNCTION, NPPSFA, National Project on Protein Structural and Functional Analyses, RIKEN Structural Genomics/Proteomics Initiative, RSGI
;
# 
loop_
_struct_asym.id 
_struct_asym.pdbx_blank_PDB_chainid_flag 
_struct_asym.pdbx_modified 
_struct_asym.entity_id 
_struct_asym.details 
A N N 1 ? 
B N N 2 ? 
# 
_struct_ref.id                         1 
_struct_ref.db_name                    UNP 
_struct_ref.db_code                    Q5SHH4_THET8 
_struct_ref.pdbx_db_accession          Q5SHH4 
_struct_ref.entity_id                  1 
_struct_ref.pdbx_seq_one_letter_code   MRRRYRVVVERDEEGYFVAHVPELHAHTQAQSFEELLRRLQEAIAVSLEEERAEVVGLEGALEIEAA 
_struct_ref.pdbx_align_begin           1 
_struct_ref.pdbx_db_isoform            ? 
# 
_struct_ref_seq.align_id                      1 
_struct_ref_seq.ref_id                        1 
_struct_ref_seq.pdbx_PDB_id_code              2YZT 
_struct_ref_seq.pdbx_strand_id                A 
_struct_ref_seq.seq_align_beg                 1 
_struct_ref_seq.pdbx_seq_align_beg_ins_code   ? 
_struct_ref_seq.seq_align_end                 67 
_struct_ref_seq.pdbx_seq_align_end_ins_code   ? 
_struct_ref_seq.pdbx_db_accession             Q5SHH4 
_struct_ref_seq.db_align_beg                  1 
_struct_ref_seq.pdbx_db_align_beg_ins_code    ? 
_struct_ref_seq.db_align_end                  67 
_struct_ref_seq.pdbx_db_align_end_ins_code    ? 
_struct_ref_seq.pdbx_auth_seq_align_beg       1 
_struct_ref_seq.pdbx_auth_seq_align_end       67 
# 
_pdbx_struct_assembly.id                   1 
_pdbx_struct_assembly.details              author_and_software_defined_assembly 
_pdbx_struct_assembly.method_details       PISA 
_pdbx_struct_assembly.oligomeric_details   dimeric 
_pdbx_struct_assembly.oligomeric_count     2 
# 
_pdbx_struct_assembly_prop.biol_id   1 
_pdbx_struct_assembly_prop.type      'ABSA (A^2)' 
_pdbx_struct_assembly_prop.value     4180 
_pdbx_struct_assembly_prop.details   ? 
# 
_pdbx_struct_assembly_gen.assembly_id       1 
_pdbx_struct_assembly_gen.oper_expression   1,2 
_pdbx_struct_assembly_gen.asym_id_list      A,B 
# 
loop_
_pdbx_struct_oper_list.id 
_pdbx_struct_oper_list.type 
_pdbx_struct_oper_list.name 
_pdbx_struct_oper_list.symmetry_operation 
_pdbx_struct_oper_list.matrix[1][1] 
_pdbx_struct_oper_list.matrix[1][2] 
_pdbx_struct_oper_list.matrix[1][3] 
_pdbx_struct_oper_list.vector[1] 
_pdbx_struct_oper_list.matrix[2][1] 
_pdbx_struct_oper_list.matrix[2][2] 
_pdbx_struct_oper_list.matrix[2][3] 
_pdbx_struct_oper_list.vector[2] 
_pdbx_struct_oper_list.matrix[3][1] 
_pdbx_struct_oper_list.matrix[3][2] 
_pdbx_struct_oper_list.matrix[3][3] 
_pdbx_struct_oper_list.vector[3] 
1 'identity operation'         1_555 x,y,z    1.0000000000  0.0000000000  0.0000000000 0.0000000000   0.0000000000  1.0000000000  0.0000000000  0.0000000000  0.0000000000 0.0000000000  1.0000000000  0.0000000000 
2 'crystal symmetry operation' 4_556 y,x,-z+1 -0.5122010657 -0.6933856761 0.5068198619 -11.8466417485 -0.6933856761 -0.0143814141 -0.7204231250 -8.1264253634 0.5068198619 -0.7204231250 -0.4734175203 0.2841883010 
# 
_struct_biol.id        1 
_struct_biol.details   ? 
# 
loop_
_struct_conf.conf_type_id 
_struct_conf.id 
_struct_conf.pdbx_PDB_helix_id 
_struct_conf.beg_label_comp_id 
_struct_conf.beg_label_asym_id 
_struct_conf.beg_label_seq_id 
_struct_conf.pdbx_beg_PDB_ins_code 
_struct_conf.end_label_comp_id 
_struct_conf.end_label_asym_id 
_struct_conf.end_label_seq_id 
_struct_conf.pdbx_end_PDB_ins_code 
_struct_conf.beg_auth_comp_id 
_struct_conf.beg_auth_asym_id 
_struct_conf.beg_auth_seq_id 
_struct_conf.end_auth_comp_id 
_struct_conf.end_auth_asym_id 
_struct_conf.end_auth_seq_id 
_struct_conf.pdbx_PDB_helix_class 
_struct_conf.details 
_struct_conf.pdbx_PDB_helix_length 
HELX_P HELX_P1 1 PRO A 22 ? HIS A 25 ? PRO A 22 HIS A 25 5 ? 4  
HELX_P HELX_P2 2 SER A 32 ? LEU A 48 ? SER A 32 LEU A 48 1 ? 17 
# 
_struct_conf_type.id          HELX_P 
_struct_conf_type.criteria    ? 
_struct_conf_type.reference   ? 
# 
_struct_conn.id                            covale1 
_struct_conn.conn_type_id                  covale 
_struct_conn.pdbx_leaving_atom_flag        both 
_struct_conn.pdbx_PDB_id                   ? 
_struct_conn.ptnr1_label_asym_id           A 
_struct_conn.ptnr1_label_comp_id           MSE 
_struct_conn.ptnr1_label_seq_id            1 
_struct_conn.ptnr1_label_atom_id           C 
_struct_conn.pdbx_ptnr1_label_alt_id       ? 
_struct_conn.pdbx_ptnr1_PDB_ins_code       ? 
_struct_conn.pdbx_ptnr1_standard_comp_id   ? 
_struct_conn.ptnr1_symmetry                1_555 
_struct_conn.ptnr2_label_asym_id           A 
_struct_conn.ptnr2_label_comp_id           ARG 
_struct_conn.ptnr2_label_seq_id            2 
_struct_conn.ptnr2_label_atom_id           N 
_struct_conn.pdbx_ptnr2_label_alt_id       ? 
_struct_conn.pdbx_ptnr2_PDB_ins_code       ? 
_struct_conn.ptnr1_auth_asym_id            A 
_struct_conn.ptnr1_auth_comp_id            MSE 
_struct_conn.ptnr1_auth_seq_id             1 
_struct_conn.ptnr2_auth_asym_id            A 
_struct_conn.ptnr2_auth_comp_id            ARG 
_struct_conn.ptnr2_auth_seq_id             2 
_struct_conn.ptnr2_symmetry                1_555 
_struct_conn.pdbx_ptnr3_label_atom_id      ? 
_struct_conn.pdbx_ptnr3_label_seq_id       ? 
_struct_conn.pdbx_ptnr3_label_comp_id      ? 
_struct_conn.pdbx_ptnr3_label_asym_id      ? 
_struct_conn.pdbx_ptnr3_label_alt_id       ? 
_struct_conn.pdbx_ptnr3_PDB_ins_code       ? 
_struct_conn.details                       ? 
_struct_conn.pdbx_dist_value               1.329 
_struct_conn.pdbx_value_order              ? 
_struct_conn.pdbx_role                     ? 
# 
_struct_conn_type.id          covale 
_struct_conn_type.criteria    ? 
_struct_conn_type.reference   ? 
# 
_pdbx_modification_feature.ordinal                            1 
_pdbx_modification_feature.label_comp_id                      MSE 
_pdbx_modification_feature.label_asym_id                      A 
_pdbx_modification_feature.label_seq_id                       1 
_pdbx_modification_feature.label_alt_id                       ? 
_pdbx_modification_feature.modified_residue_label_comp_id     . 
_pdbx_modification_feature.modified_residue_label_asym_id     . 
_pdbx_modification_feature.modified_residue_label_seq_id      . 
_pdbx_modification_feature.modified_residue_label_alt_id      . 
_pdbx_modification_feature.auth_comp_id                       MSE 
_pdbx_modification_feature.auth_asym_id                       A 
_pdbx_modification_feature.auth_seq_id                        1 
_pdbx_modification_feature.PDB_ins_code                       ? 
_pdbx_modification_feature.symmetry                           1_555 
_pdbx_modification_feature.modified_residue_auth_comp_id      . 
_pdbx_modification_feature.modified_residue_auth_asym_id      . 
_pdbx_modification_feature.modified_residue_auth_seq_id       . 
_pdbx_modification_feature.modified_residue_PDB_ins_code      . 
_pdbx_modification_feature.modified_residue_symmetry          . 
_pdbx_modification_feature.comp_id_linking_atom               . 
_pdbx_modification_feature.modified_residue_id_linking_atom   . 
_pdbx_modification_feature.modified_residue_id                MET 
_pdbx_modification_feature.ref_pcm_id                         1 
_pdbx_modification_feature.ref_comp_id                        MSE 
_pdbx_modification_feature.type                               Selenomethionine 
_pdbx_modification_feature.category                           'Named protein modification' 
# 
_struct_sheet.id               A 
_struct_sheet.type             ? 
_struct_sheet.number_strands   3 
_struct_sheet.details          ? 
# 
loop_
_struct_sheet_order.sheet_id 
_struct_sheet_order.range_id_1 
_struct_sheet_order.range_id_2 
_struct_sheet_order.offset 
_struct_sheet_order.sense 
A 1 2 ? anti-parallel 
A 2 3 ? anti-parallel 
# 
loop_
_struct_sheet_range.sheet_id 
_struct_sheet_range.id 
_struct_sheet_range.beg_label_comp_id 
_struct_sheet_range.beg_label_asym_id 
_struct_sheet_range.beg_label_seq_id 
_struct_sheet_range.pdbx_beg_PDB_ins_code 
_struct_sheet_range.end_label_comp_id 
_struct_sheet_range.end_label_asym_id 
_struct_sheet_range.end_label_seq_id 
_struct_sheet_range.pdbx_end_PDB_ins_code 
_struct_sheet_range.beg_auth_comp_id 
_struct_sheet_range.beg_auth_asym_id 
_struct_sheet_range.beg_auth_seq_id 
_struct_sheet_range.end_auth_comp_id 
_struct_sheet_range.end_auth_asym_id 
_struct_sheet_range.end_auth_seq_id 
A 1 VAL A 8  ? ARG A 11 ? VAL A 8  ARG A 11 
A 2 PHE A 17 ? VAL A 21 ? PHE A 17 VAL A 21 
A 3 ALA A 26 ? ALA A 30 ? ALA A 26 ALA A 30 
# 
loop_
_pdbx_struct_sheet_hbond.sheet_id 
_pdbx_struct_sheet_hbond.range_id_1 
_pdbx_struct_sheet_hbond.range_id_2 
_pdbx_struct_sheet_hbond.range_1_label_atom_id 
_pdbx_struct_sheet_hbond.range_1_label_comp_id 
_pdbx_struct_sheet_hbond.range_1_label_asym_id 
_pdbx_struct_sheet_hbond.range_1_label_seq_id 
_pdbx_struct_sheet_hbond.range_1_PDB_ins_code 
_pdbx_struct_sheet_hbond.range_1_auth_atom_id 
_pdbx_struct_sheet_hbond.range_1_auth_comp_id 
_pdbx_struct_sheet_hbond.range_1_auth_asym_id 
_pdbx_struct_sheet_hbond.range_1_auth_seq_id 
_pdbx_struct_sheet_hbond.range_2_label_atom_id 
_pdbx_struct_sheet_hbond.range_2_label_comp_id 
_pdbx_struct_sheet_hbond.range_2_label_asym_id 
_pdbx_struct_sheet_hbond.range_2_label_seq_id 
_pdbx_struct_sheet_hbond.range_2_PDB_ins_code 
_pdbx_struct_sheet_hbond.range_2_auth_atom_id 
_pdbx_struct_sheet_hbond.range_2_auth_comp_id 
_pdbx_struct_sheet_hbond.range_2_auth_asym_id 
_pdbx_struct_sheet_hbond.range_2_auth_seq_id 
A 1 2 N VAL A 8  ? N VAL A 8  O HIS A 20 ? O HIS A 20 
A 2 3 N ALA A 19 ? N ALA A 19 O THR A 28 ? O THR A 28 
# 
_pdbx_entry_details.entry_id                   2YZT 
_pdbx_entry_details.compound_details           ? 
_pdbx_entry_details.source_details             ? 
_pdbx_entry_details.nonpolymer_details         ? 
_pdbx_entry_details.sequence_details           ? 
_pdbx_entry_details.has_ligand_of_interest     ? 
_pdbx_entry_details.has_protein_modification   Y 
# 
_pdbx_SG_project.id                    1 
_pdbx_SG_project.project_name          'NPPSFA, National Project on Protein Structural and Functional Analyses' 
_pdbx_SG_project.full_name_of_center   'RIKEN Structural Genomics/Proteomics Initiative' 
_pdbx_SG_project.initial_of_center     RSGI 
# 
_pdbx_struct_mod_residue.id               1 
_pdbx_struct_mod_residue.label_asym_id    A 
_pdbx_struct_mod_residue.label_comp_id    MSE 
_pdbx_struct_mod_residue.label_seq_id     1 
_pdbx_struct_mod_residue.auth_asym_id     A 
_pdbx_struct_mod_residue.auth_comp_id     MSE 
_pdbx_struct_mod_residue.auth_seq_id      1 
_pdbx_struct_mod_residue.PDB_ins_code     ? 
_pdbx_struct_mod_residue.parent_comp_id   MET 
_pdbx_struct_mod_residue.details          SELENOMETHIONINE 
# 
loop_
_chem_comp_atom.comp_id 
_chem_comp_atom.atom_id 
_chem_comp_atom.type_symbol 
_chem_comp_atom.pdbx_aromatic_flag 
_chem_comp_atom.pdbx_stereo_config 
_chem_comp_atom.pdbx_ordinal 
ALA N    N  N N 1   
ALA CA   C  N S 2   
ALA C    C  N N 3   
ALA O    O  N N 4   
ALA CB   C  N N 5   
ALA OXT  O  N N 6   
ALA H    H  N N 7   
ALA H2   H  N N 8   
ALA HA   H  N N 9   
ALA HB1  H  N N 10  
ALA HB2  H  N N 11  
ALA HB3  H  N N 12  
ALA HXT  H  N N 13  
ARG N    N  N N 14  
ARG CA   C  N S 15  
ARG C    C  N N 16  
ARG O    O  N N 17  
ARG CB   C  N N 18  
ARG CG   C  N N 19  
ARG CD   C  N N 20  
ARG NE   N  N N 21  
ARG CZ   C  N N 22  
ARG NH1  N  N N 23  
ARG NH2  N  N N 24  
ARG OXT  O  N N 25  
ARG H    H  N N 26  
ARG H2   H  N N 27  
ARG HA   H  N N 28  
ARG HB2  H  N N 29  
ARG HB3  H  N N 30  
ARG HG2  H  N N 31  
ARG HG3  H  N N 32  
ARG HD2  H  N N 33  
ARG HD3  H  N N 34  
ARG HE   H  N N 35  
ARG HH11 H  N N 36  
ARG HH12 H  N N 37  
ARG HH21 H  N N 38  
ARG HH22 H  N N 39  
ARG HXT  H  N N 40  
ASP N    N  N N 41  
ASP CA   C  N S 42  
ASP C    C  N N 43  
ASP O    O  N N 44  
ASP CB   C  N N 45  
ASP CG   C  N N 46  
ASP OD1  O  N N 47  
ASP OD2  O  N N 48  
ASP OXT  O  N N 49  
ASP H    H  N N 50  
ASP H2   H  N N 51  
ASP HA   H  N N 52  
ASP HB2  H  N N 53  
ASP HB3  H  N N 54  
ASP HD2  H  N N 55  
ASP HXT  H  N N 56  
GLN N    N  N N 57  
GLN CA   C  N S 58  
GLN C    C  N N 59  
GLN O    O  N N 60  
GLN CB   C  N N 61  
GLN CG   C  N N 62  
GLN CD   C  N N 63  
GLN OE1  O  N N 64  
GLN NE2  N  N N 65  
GLN OXT  O  N N 66  
GLN H    H  N N 67  
GLN H2   H  N N 68  
GLN HA   H  N N 69  
GLN HB2  H  N N 70  
GLN HB3  H  N N 71  
GLN HG2  H  N N 72  
GLN HG3  H  N N 73  
GLN HE21 H  N N 74  
GLN HE22 H  N N 75  
GLN HXT  H  N N 76  
GLU N    N  N N 77  
GLU CA   C  N S 78  
GLU C    C  N N 79  
GLU O    O  N N 80  
GLU CB   C  N N 81  
GLU CG   C  N N 82  
GLU CD   C  N N 83  
GLU OE1  O  N N 84  
GLU OE2  O  N N 85  
GLU OXT  O  N N 86  
GLU H    H  N N 87  
GLU H2   H  N N 88  
GLU HA   H  N N 89  
GLU HB2  H  N N 90  
GLU HB3  H  N N 91  
GLU HG2  H  N N 92  
GLU HG3  H  N N 93  
GLU HE2  H  N N 94  
GLU HXT  H  N N 95  
GLY N    N  N N 96  
GLY CA   C  N N 97  
GLY C    C  N N 98  
GLY O    O  N N 99  
GLY OXT  O  N N 100 
GLY H    H  N N 101 
GLY H2   H  N N 102 
GLY HA2  H  N N 103 
GLY HA3  H  N N 104 
GLY HXT  H  N N 105 
HIS N    N  N N 106 
HIS CA   C  N S 107 
HIS C    C  N N 108 
HIS O    O  N N 109 
HIS CB   C  N N 110 
HIS CG   C  Y N 111 
HIS ND1  N  Y N 112 
HIS CD2  C  Y N 113 
HIS CE1  C  Y N 114 
HIS NE2  N  Y N 115 
HIS OXT  O  N N 116 
HIS H    H  N N 117 
HIS H2   H  N N 118 
HIS HA   H  N N 119 
HIS HB2  H  N N 120 
HIS HB3  H  N N 121 
HIS HD1  H  N N 122 
HIS HD2  H  N N 123 
HIS HE1  H  N N 124 
HIS HE2  H  N N 125 
HIS HXT  H  N N 126 
HOH O    O  N N 127 
HOH H1   H  N N 128 
HOH H2   H  N N 129 
ILE N    N  N N 130 
ILE CA   C  N S 131 
ILE C    C  N N 132 
ILE O    O  N N 133 
ILE CB   C  N S 134 
ILE CG1  C  N N 135 
ILE CG2  C  N N 136 
ILE CD1  C  N N 137 
ILE OXT  O  N N 138 
ILE H    H  N N 139 
ILE H2   H  N N 140 
ILE HA   H  N N 141 
ILE HB   H  N N 142 
ILE HG12 H  N N 143 
ILE HG13 H  N N 144 
ILE HG21 H  N N 145 
ILE HG22 H  N N 146 
ILE HG23 H  N N 147 
ILE HD11 H  N N 148 
ILE HD12 H  N N 149 
ILE HD13 H  N N 150 
ILE HXT  H  N N 151 
LEU N    N  N N 152 
LEU CA   C  N S 153 
LEU C    C  N N 154 
LEU O    O  N N 155 
LEU CB   C  N N 156 
LEU CG   C  N N 157 
LEU CD1  C  N N 158 
LEU CD2  C  N N 159 
LEU OXT  O  N N 160 
LEU H    H  N N 161 
LEU H2   H  N N 162 
LEU HA   H  N N 163 
LEU HB2  H  N N 164 
LEU HB3  H  N N 165 
LEU HG   H  N N 166 
LEU HD11 H  N N 167 
LEU HD12 H  N N 168 
LEU HD13 H  N N 169 
LEU HD21 H  N N 170 
LEU HD22 H  N N 171 
LEU HD23 H  N N 172 
LEU HXT  H  N N 173 
MSE N    N  N N 174 
MSE CA   C  N S 175 
MSE C    C  N N 176 
MSE O    O  N N 177 
MSE OXT  O  N N 178 
MSE CB   C  N N 179 
MSE CG   C  N N 180 
MSE SE   SE N N 181 
MSE CE   C  N N 182 
MSE H    H  N N 183 
MSE H2   H  N N 184 
MSE HA   H  N N 185 
MSE HXT  H  N N 186 
MSE HB2  H  N N 187 
MSE HB3  H  N N 188 
MSE HG2  H  N N 189 
MSE HG3  H  N N 190 
MSE HE1  H  N N 191 
MSE HE2  H  N N 192 
MSE HE3  H  N N 193 
PHE N    N  N N 194 
PHE CA   C  N S 195 
PHE C    C  N N 196 
PHE O    O  N N 197 
PHE CB   C  N N 198 
PHE CG   C  Y N 199 
PHE CD1  C  Y N 200 
PHE CD2  C  Y N 201 
PHE CE1  C  Y N 202 
PHE CE2  C  Y N 203 
PHE CZ   C  Y N 204 
PHE OXT  O  N N 205 
PHE H    H  N N 206 
PHE H2   H  N N 207 
PHE HA   H  N N 208 
PHE HB2  H  N N 209 
PHE HB3  H  N N 210 
PHE HD1  H  N N 211 
PHE HD2  H  N N 212 
PHE HE1  H  N N 213 
PHE HE2  H  N N 214 
PHE HZ   H  N N 215 
PHE HXT  H  N N 216 
PRO N    N  N N 217 
PRO CA   C  N S 218 
PRO C    C  N N 219 
PRO O    O  N N 220 
PRO CB   C  N N 221 
PRO CG   C  N N 222 
PRO CD   C  N N 223 
PRO OXT  O  N N 224 
PRO H    H  N N 225 
PRO HA   H  N N 226 
PRO HB2  H  N N 227 
PRO HB3  H  N N 228 
PRO HG2  H  N N 229 
PRO HG3  H  N N 230 
PRO HD2  H  N N 231 
PRO HD3  H  N N 232 
PRO HXT  H  N N 233 
SER N    N  N N 234 
SER CA   C  N S 235 
SER C    C  N N 236 
SER O    O  N N 237 
SER CB   C  N N 238 
SER OG   O  N N 239 
SER OXT  O  N N 240 
SER H    H  N N 241 
SER H2   H  N N 242 
SER HA   H  N N 243 
SER HB2  H  N N 244 
SER HB3  H  N N 245 
SER HG   H  N N 246 
SER HXT  H  N N 247 
THR N    N  N N 248 
THR CA   C  N S 249 
THR C    C  N N 250 
THR O    O  N N 251 
THR CB   C  N R 252 
THR OG1  O  N N 253 
THR CG2  C  N N 254 
THR OXT  O  N N 255 
THR H    H  N N 256 
THR H2   H  N N 257 
THR HA   H  N N 258 
THR HB   H  N N 259 
THR HG1  H  N N 260 
THR HG21 H  N N 261 
THR HG22 H  N N 262 
THR HG23 H  N N 263 
THR HXT  H  N N 264 
TYR N    N  N N 265 
TYR CA   C  N S 266 
TYR C    C  N N 267 
TYR O    O  N N 268 
TYR CB   C  N N 269 
TYR CG   C  Y N 270 
TYR CD1  C  Y N 271 
TYR CD2  C  Y N 272 
TYR CE1  C  Y N 273 
TYR CE2  C  Y N 274 
TYR CZ   C  Y N 275 
TYR OH   O  N N 276 
TYR OXT  O  N N 277 
TYR H    H  N N 278 
TYR H2   H  N N 279 
TYR HA   H  N N 280 
TYR HB2  H  N N 281 
TYR HB3  H  N N 282 
TYR HD1  H  N N 283 
TYR HD2  H  N N 284 
TYR HE1  H  N N 285 
TYR HE2  H  N N 286 
TYR HH   H  N N 287 
TYR HXT  H  N N 288 
VAL N    N  N N 289 
VAL CA   C  N S 290 
VAL C    C  N N 291 
VAL O    O  N N 292 
VAL CB   C  N N 293 
VAL CG1  C  N N 294 
VAL CG2  C  N N 295 
VAL OXT  O  N N 296 
VAL H    H  N N 297 
VAL H2   H  N N 298 
VAL HA   H  N N 299 
VAL HB   H  N N 300 
VAL HG11 H  N N 301 
VAL HG12 H  N N 302 
VAL HG13 H  N N 303 
VAL HG21 H  N N 304 
VAL HG22 H  N N 305 
VAL HG23 H  N N 306 
VAL HXT  H  N N 307 
# 
loop_
_chem_comp_bond.comp_id 
_chem_comp_bond.atom_id_1 
_chem_comp_bond.atom_id_2 
_chem_comp_bond.value_order 
_chem_comp_bond.pdbx_aromatic_flag 
_chem_comp_bond.pdbx_stereo_config 
_chem_comp_bond.pdbx_ordinal 
ALA N   CA   sing N N 1   
ALA N   H    sing N N 2   
ALA N   H2   sing N N 3   
ALA CA  C    sing N N 4   
ALA CA  CB   sing N N 5   
ALA CA  HA   sing N N 6   
ALA C   O    doub N N 7   
ALA C   OXT  sing N N 8   
ALA CB  HB1  sing N N 9   
ALA CB  HB2  sing N N 10  
ALA CB  HB3  sing N N 11  
ALA OXT HXT  sing N N 12  
ARG N   CA   sing N N 13  
ARG N   H    sing N N 14  
ARG N   H2   sing N N 15  
ARG CA  C    sing N N 16  
ARG CA  CB   sing N N 17  
ARG CA  HA   sing N N 18  
ARG C   O    doub N N 19  
ARG C   OXT  sing N N 20  
ARG CB  CG   sing N N 21  
ARG CB  HB2  sing N N 22  
ARG CB  HB3  sing N N 23  
ARG CG  CD   sing N N 24  
ARG CG  HG2  sing N N 25  
ARG CG  HG3  sing N N 26  
ARG CD  NE   sing N N 27  
ARG CD  HD2  sing N N 28  
ARG CD  HD3  sing N N 29  
ARG NE  CZ   sing N N 30  
ARG NE  HE   sing N N 31  
ARG CZ  NH1  sing N N 32  
ARG CZ  NH2  doub N N 33  
ARG NH1 HH11 sing N N 34  
ARG NH1 HH12 sing N N 35  
ARG NH2 HH21 sing N N 36  
ARG NH2 HH22 sing N N 37  
ARG OXT HXT  sing N N 38  
ASP N   CA   sing N N 39  
ASP N   H    sing N N 40  
ASP N   H2   sing N N 41  
ASP CA  C    sing N N 42  
ASP CA  CB   sing N N 43  
ASP CA  HA   sing N N 44  
ASP C   O    doub N N 45  
ASP C   OXT  sing N N 46  
ASP CB  CG   sing N N 47  
ASP CB  HB2  sing N N 48  
ASP CB  HB3  sing N N 49  
ASP CG  OD1  doub N N 50  
ASP CG  OD2  sing N N 51  
ASP OD2 HD2  sing N N 52  
ASP OXT HXT  sing N N 53  
GLN N   CA   sing N N 54  
GLN N   H    sing N N 55  
GLN N   H2   sing N N 56  
GLN CA  C    sing N N 57  
GLN CA  CB   sing N N 58  
GLN CA  HA   sing N N 59  
GLN C   O    doub N N 60  
GLN C   OXT  sing N N 61  
GLN CB  CG   sing N N 62  
GLN CB  HB2  sing N N 63  
GLN CB  HB3  sing N N 64  
GLN CG  CD   sing N N 65  
GLN CG  HG2  sing N N 66  
GLN CG  HG3  sing N N 67  
GLN CD  OE1  doub N N 68  
GLN CD  NE2  sing N N 69  
GLN NE2 HE21 sing N N 70  
GLN NE2 HE22 sing N N 71  
GLN OXT HXT  sing N N 72  
GLU N   CA   sing N N 73  
GLU N   H    sing N N 74  
GLU N   H2   sing N N 75  
GLU CA  C    sing N N 76  
GLU CA  CB   sing N N 77  
GLU CA  HA   sing N N 78  
GLU C   O    doub N N 79  
GLU C   OXT  sing N N 80  
GLU CB  CG   sing N N 81  
GLU CB  HB2  sing N N 82  
GLU CB  HB3  sing N N 83  
GLU CG  CD   sing N N 84  
GLU CG  HG2  sing N N 85  
GLU CG  HG3  sing N N 86  
GLU CD  OE1  doub N N 87  
GLU CD  OE2  sing N N 88  
GLU OE2 HE2  sing N N 89  
GLU OXT HXT  sing N N 90  
GLY N   CA   sing N N 91  
GLY N   H    sing N N 92  
GLY N   H2   sing N N 93  
GLY CA  C    sing N N 94  
GLY CA  HA2  sing N N 95  
GLY CA  HA3  sing N N 96  
GLY C   O    doub N N 97  
GLY C   OXT  sing N N 98  
GLY OXT HXT  sing N N 99  
HIS N   CA   sing N N 100 
HIS N   H    sing N N 101 
HIS N   H2   sing N N 102 
HIS CA  C    sing N N 103 
HIS CA  CB   sing N N 104 
HIS CA  HA   sing N N 105 
HIS C   O    doub N N 106 
HIS C   OXT  sing N N 107 
HIS CB  CG   sing N N 108 
HIS CB  HB2  sing N N 109 
HIS CB  HB3  sing N N 110 
HIS CG  ND1  sing Y N 111 
HIS CG  CD2  doub Y N 112 
HIS ND1 CE1  doub Y N 113 
HIS ND1 HD1  sing N N 114 
HIS CD2 NE2  sing Y N 115 
HIS CD2 HD2  sing N N 116 
HIS CE1 NE2  sing Y N 117 
HIS CE1 HE1  sing N N 118 
HIS NE2 HE2  sing N N 119 
HIS OXT HXT  sing N N 120 
HOH O   H1   sing N N 121 
HOH O   H2   sing N N 122 
ILE N   CA   sing N N 123 
ILE N   H    sing N N 124 
ILE N   H2   sing N N 125 
ILE CA  C    sing N N 126 
ILE CA  CB   sing N N 127 
ILE CA  HA   sing N N 128 
ILE C   O    doub N N 129 
ILE C   OXT  sing N N 130 
ILE CB  CG1  sing N N 131 
ILE CB  CG2  sing N N 132 
ILE CB  HB   sing N N 133 
ILE CG1 CD1  sing N N 134 
ILE CG1 HG12 sing N N 135 
ILE CG1 HG13 sing N N 136 
ILE CG2 HG21 sing N N 137 
ILE CG2 HG22 sing N N 138 
ILE CG2 HG23 sing N N 139 
ILE CD1 HD11 sing N N 140 
ILE CD1 HD12 sing N N 141 
ILE CD1 HD13 sing N N 142 
ILE OXT HXT  sing N N 143 
LEU N   CA   sing N N 144 
LEU N   H    sing N N 145 
LEU N   H2   sing N N 146 
LEU CA  C    sing N N 147 
LEU CA  CB   sing N N 148 
LEU CA  HA   sing N N 149 
LEU C   O    doub N N 150 
LEU C   OXT  sing N N 151 
LEU CB  CG   sing N N 152 
LEU CB  HB2  sing N N 153 
LEU CB  HB3  sing N N 154 
LEU CG  CD1  sing N N 155 
LEU CG  CD2  sing N N 156 
LEU CG  HG   sing N N 157 
LEU CD1 HD11 sing N N 158 
LEU CD1 HD12 sing N N 159 
LEU CD1 HD13 sing N N 160 
LEU CD2 HD21 sing N N 161 
LEU CD2 HD22 sing N N 162 
LEU CD2 HD23 sing N N 163 
LEU OXT HXT  sing N N 164 
MSE N   CA   sing N N 165 
MSE N   H    sing N N 166 
MSE N   H2   sing N N 167 
MSE CA  C    sing N N 168 
MSE CA  CB   sing N N 169 
MSE CA  HA   sing N N 170 
MSE C   O    doub N N 171 
MSE C   OXT  sing N N 172 
MSE OXT HXT  sing N N 173 
MSE CB  CG   sing N N 174 
MSE CB  HB2  sing N N 175 
MSE CB  HB3  sing N N 176 
MSE CG  SE   sing N N 177 
MSE CG  HG2  sing N N 178 
MSE CG  HG3  sing N N 179 
MSE SE  CE   sing N N 180 
MSE CE  HE1  sing N N 181 
MSE CE  HE2  sing N N 182 
MSE CE  HE3  sing N N 183 
PHE N   CA   sing N N 184 
PHE N   H    sing N N 185 
PHE N   H2   sing N N 186 
PHE CA  C    sing N N 187 
PHE CA  CB   sing N N 188 
PHE CA  HA   sing N N 189 
PHE C   O    doub N N 190 
PHE C   OXT  sing N N 191 
PHE CB  CG   sing N N 192 
PHE CB  HB2  sing N N 193 
PHE CB  HB3  sing N N 194 
PHE CG  CD1  doub Y N 195 
PHE CG  CD2  sing Y N 196 
PHE CD1 CE1  sing Y N 197 
PHE CD1 HD1  sing N N 198 
PHE CD2 CE2  doub Y N 199 
PHE CD2 HD2  sing N N 200 
PHE CE1 CZ   doub Y N 201 
PHE CE1 HE1  sing N N 202 
PHE CE2 CZ   sing Y N 203 
PHE CE2 HE2  sing N N 204 
PHE CZ  HZ   sing N N 205 
PHE OXT HXT  sing N N 206 
PRO N   CA   sing N N 207 
PRO N   CD   sing N N 208 
PRO N   H    sing N N 209 
PRO CA  C    sing N N 210 
PRO CA  CB   sing N N 211 
PRO CA  HA   sing N N 212 
PRO C   O    doub N N 213 
PRO C   OXT  sing N N 214 
PRO CB  CG   sing N N 215 
PRO CB  HB2  sing N N 216 
PRO CB  HB3  sing N N 217 
PRO CG  CD   sing N N 218 
PRO CG  HG2  sing N N 219 
PRO CG  HG3  sing N N 220 
PRO CD  HD2  sing N N 221 
PRO CD  HD3  sing N N 222 
PRO OXT HXT  sing N N 223 
SER N   CA   sing N N 224 
SER N   H    sing N N 225 
SER N   H2   sing N N 226 
SER CA  C    sing N N 227 
SER CA  CB   sing N N 228 
SER CA  HA   sing N N 229 
SER C   O    doub N N 230 
SER C   OXT  sing N N 231 
SER CB  OG   sing N N 232 
SER CB  HB2  sing N N 233 
SER CB  HB3  sing N N 234 
SER OG  HG   sing N N 235 
SER OXT HXT  sing N N 236 
THR N   CA   sing N N 237 
THR N   H    sing N N 238 
THR N   H2   sing N N 239 
THR CA  C    sing N N 240 
THR CA  CB   sing N N 241 
THR CA  HA   sing N N 242 
THR C   O    doub N N 243 
THR C   OXT  sing N N 244 
THR CB  OG1  sing N N 245 
THR CB  CG2  sing N N 246 
THR CB  HB   sing N N 247 
THR OG1 HG1  sing N N 248 
THR CG2 HG21 sing N N 249 
THR CG2 HG22 sing N N 250 
THR CG2 HG23 sing N N 251 
THR OXT HXT  sing N N 252 
TYR N   CA   sing N N 253 
TYR N   H    sing N N 254 
TYR N   H2   sing N N 255 
TYR CA  C    sing N N 256 
TYR CA  CB   sing N N 257 
TYR CA  HA   sing N N 258 
TYR C   O    doub N N 259 
TYR C   OXT  sing N N 260 
TYR CB  CG   sing N N 261 
TYR CB  HB2  sing N N 262 
TYR CB  HB3  sing N N 263 
TYR CG  CD1  doub Y N 264 
TYR CG  CD2  sing Y N 265 
TYR CD1 CE1  sing Y N 266 
TYR CD1 HD1  sing N N 267 
TYR CD2 CE2  doub Y N 268 
TYR CD2 HD2  sing N N 269 
TYR CE1 CZ   doub Y N 270 
TYR CE1 HE1  sing N N 271 
TYR CE2 CZ   sing Y N 272 
TYR CE2 HE2  sing N N 273 
TYR CZ  OH   sing N N 274 
TYR OH  HH   sing N N 275 
TYR OXT HXT  sing N N 276 
VAL N   CA   sing N N 277 
VAL N   H    sing N N 278 
VAL N   H2   sing N N 279 
VAL CA  C    sing N N 280 
VAL CA  CB   sing N N 281 
VAL CA  HA   sing N N 282 
VAL C   O    doub N N 283 
VAL C   OXT  sing N N 284 
VAL CB  CG1  sing N N 285 
VAL CB  CG2  sing N N 286 
VAL CB  HB   sing N N 287 
VAL CG1 HG11 sing N N 288 
VAL CG1 HG12 sing N N 289 
VAL CG1 HG13 sing N N 290 
VAL CG2 HG21 sing N N 291 
VAL CG2 HG22 sing N N 292 
VAL CG2 HG23 sing N N 293 
VAL OXT HXT  sing N N 294 
# 
_atom_sites.entry_id                    2YZT 
_atom_sites.fract_transf_matrix[1][1]   0.00493150 
_atom_sites.fract_transf_matrix[1][2]   -0.02216890 
_atom_sites.fract_transf_matrix[1][3]   0.00378285 
_atom_sites.fract_transf_matrix[2][1]   0.01476313 
_atom_sites.fract_transf_matrix[2][2]   -0.00582577 
_atom_sites.fract_transf_matrix[2][3]   0.01667978 
_atom_sites.fract_transf_matrix[3][1]   -0.01617948 
_atom_sites.fract_transf_matrix[3][2]   -0.00122879 
_atom_sites.fract_transf_matrix[3][3]   0.01389115 
_atom_sites.fract_transf_vector[1]      0.359996 
_atom_sites.fract_transf_vector[2]      0.482809 
_atom_sites.fract_transf_vector[3]      0.397203 
# 
loop_
_atom_type.symbol 
C  
N  
O  
SE 
# 
loop_
_atom_site.group_PDB 
_atom_site.id 
_atom_site.type_symbol 
_atom_site.label_atom_id 
_atom_site.label_alt_id 
_atom_site.label_comp_id 
_atom_site.label_asym_id 
_atom_site.label_entity_id 
_atom_site.label_seq_id 
_atom_site.pdbx_PDB_ins_code 
_atom_site.Cartn_x 
_atom_site.Cartn_y 
_atom_site.Cartn_z 
_atom_site.occupancy 
_atom_site.B_iso_or_equiv 
_atom_site.pdbx_formal_charge 
_atom_site.auth_seq_id 
_atom_site.auth_comp_id 
_atom_site.auth_asym_id 
_atom_site.auth_atom_id 
_atom_site.pdbx_PDB_model_num 
HETATM 1   N  N   . MSE A 1 1  ? 9.274   -7.604  -13.995 1.00 26.53 ? 1   MSE A N   1 
HETATM 2   C  CA  . MSE A 1 1  ? 9.886   -8.258  -12.805 1.00 25.98 ? 1   MSE A CA  1 
HETATM 3   C  C   . MSE A 1 1  ? 8.834   -8.553  -11.747 1.00 25.15 ? 1   MSE A C   1 
HETATM 4   O  O   . MSE A 1 1  ? 7.822   -7.855  -11.651 1.00 26.09 ? 1   MSE A O   1 
HETATM 5   C  CB  . MSE A 1 1  ? 11.004  -7.383  -12.206 1.00 27.90 ? 1   MSE A CB  1 
HETATM 6   C  CG  . MSE A 1 1  ? 10.594  -5.997  -11.730 1.00 30.13 ? 1   MSE A CG  1 
HETATM 7   SE SE  . MSE A 1 1  ? 12.014  -5.065  -10.756 1.00 32.31 ? 1   MSE A SE  1 
HETATM 8   C  CE  . MSE A 1 1  ? 13.286  -4.864  -12.183 1.00 31.20 ? 1   MSE A CE  1 
ATOM   9   N  N   . ARG A 1 2  ? 9.088   -9.590  -10.955 1.00 23.20 ? 2   ARG A N   1 
ATOM   10  C  CA  . ARG A 1 2  ? 8.174   -10.023 -9.904  1.00 22.71 ? 2   ARG A CA  1 
ATOM   11  C  C   . ARG A 1 2  ? 8.737   -9.810  -8.507  1.00 19.59 ? 2   ARG A C   1 
ATOM   12  O  O   . ARG A 1 2  ? 9.894   -10.116 -8.240  1.00 18.44 ? 2   ARG A O   1 
ATOM   13  C  CB  . ARG A 1 2  ? 7.855   -11.508 -10.082 1.00 24.30 ? 2   ARG A CB  1 
ATOM   14  C  CG  . ARG A 1 2  ? 6.932   -11.801 -11.237 1.00 27.89 ? 2   ARG A CG  1 
ATOM   15  C  CD  . ARG A 1 2  ? 5.487   -11.580 -10.834 1.00 30.51 ? 2   ARG A CD  1 
ATOM   16  N  NE  . ARG A 1 2  ? 4.594   -11.676 -11.987 1.00 35.26 ? 2   ARG A NE  1 
ATOM   17  C  CZ  . ARG A 1 2  ? 3.278   -11.831 -11.905 1.00 34.61 ? 2   ARG A CZ  1 
ATOM   18  N  NH1 . ARG A 1 2  ? 2.692   -11.914 -10.719 1.00 36.43 ? 2   ARG A NH1 1 
ATOM   19  N  NH2 . ARG A 1 2  ? 2.546   -11.890 -13.011 1.00 36.29 ? 2   ARG A NH2 1 
ATOM   20  N  N   . ARG A 1 3  ? 7.902   -9.292  -7.612  1.00 18.70 ? 3   ARG A N   1 
ATOM   21  C  CA  . ARG A 1 3  ? 8.316   -9.060  -6.240  1.00 17.05 ? 3   ARG A CA  1 
ATOM   22  C  C   . ARG A 1 3  ? 7.135   -9.249  -5.298  1.00 16.87 ? 3   ARG A C   1 
ATOM   23  O  O   . ARG A 1 3  ? 5.981   -9.130  -5.695  1.00 13.48 ? 3   ARG A O   1 
ATOM   24  C  CB  . ARG A 1 3  ? 8.862   -7.635  -6.077  1.00 19.83 ? 3   ARG A CB  1 
ATOM   25  C  CG  . ARG A 1 3  ? 10.125  -7.335  -6.874  1.00 18.80 ? 3   ARG A CG  1 
ATOM   26  C  CD  . ARG A 1 3  ? 11.375  -7.880  -6.193  1.00 23.87 ? 3   ARG A CD  1 
ATOM   27  N  NE  . ARG A 1 3  ? 12.578  -7.519  -6.941  1.00 26.31 ? 3   ARG A NE  1 
ATOM   28  C  CZ  . ARG A 1 3  ? 12.991  -8.131  -8.047  1.00 26.89 ? 3   ARG A CZ  1 
ATOM   29  N  NH1 . ARG A 1 3  ? 12.308  -9.151  -8.546  1.00 26.58 ? 3   ARG A NH1 1 
ATOM   30  N  NH2 . ARG A 1 3  ? 14.087  -7.709  -8.663  1.00 29.15 ? 3   ARG A NH2 1 
ATOM   31  N  N   . ARG A 1 4  ? 7.436   -9.565  -4.047  1.00 16.74 ? 4   ARG A N   1 
ATOM   32  C  CA  . ARG A 1 4  ? 6.407   -9.719  -3.032  1.00 16.59 ? 4   ARG A CA  1 
ATOM   33  C  C   . ARG A 1 4  ? 6.905   -8.923  -1.842  1.00 15.14 ? 4   ARG A C   1 
ATOM   34  O  O   . ARG A 1 4  ? 8.070   -9.046  -1.439  1.00 13.93 ? 4   ARG A O   1 
ATOM   35  C  CB  . ARG A 1 4  ? 6.212   -11.190 -2.654  1.00 21.36 ? 4   ARG A CB  1 
ATOM   36  C  CG  . ARG A 1 4  ? 5.335   -11.413 -1.424  1.00 23.97 ? 4   ARG A CG  1 
ATOM   37  C  CD  . ARG A 1 4  ? 4.909   -12.869 -1.331  1.00 29.17 ? 4   ARG A CD  1 
ATOM   38  N  NE  . ARG A 1 4  ? 6.008   -13.755 -1.701  1.00 32.09 ? 4   ARG A NE  1 
ATOM   39  C  CZ  . ARG A 1 4  ? 5.885   -14.793 -2.522  1.00 33.79 ? 4   ARG A CZ  1 
ATOM   40  N  NH1 . ARG A 1 4  ? 4.706   -15.086 -3.057  1.00 32.47 ? 4   ARG A NH1 1 
ATOM   41  N  NH2 . ARG A 1 4  ? 6.946   -15.527 -2.826  1.00 33.30 ? 4   ARG A NH2 1 
ATOM   42  N  N   . TYR A 1 5  ? 6.031   -8.090  -1.294  1.00 12.30 ? 5   TYR A N   1 
ATOM   43  C  CA  . TYR A 1 5  ? 6.396   -7.259  -0.157  1.00 14.72 ? 5   TYR A CA  1 
ATOM   44  C  C   . TYR A 1 5  ? 5.380   -7.290  0.959   1.00 12.79 ? 5   TYR A C   1 
ATOM   45  O  O   . TYR A 1 5  ? 4.173   -7.225  0.715   1.00 13.90 ? 5   TYR A O   1 
ATOM   46  C  CB  . TYR A 1 5  ? 6.550   -5.797  -0.583  1.00 14.30 ? 5   TYR A CB  1 
ATOM   47  C  CG  . TYR A 1 5  ? 7.642   -5.560  -1.590  1.00 17.11 ? 5   TYR A CG  1 
ATOM   48  C  CD1 . TYR A 1 5  ? 8.968   -5.858  -1.286  1.00 18.38 ? 5   TYR A CD1 1 
ATOM   49  C  CD2 . TYR A 1 5  ? 7.349   -5.056  -2.857  1.00 18.31 ? 5   TYR A CD2 1 
ATOM   50  C  CE1 . TYR A 1 5  ? 9.977   -5.665  -2.219  1.00 20.40 ? 5   TYR A CE1 1 
ATOM   51  C  CE2 . TYR A 1 5  ? 8.352   -4.857  -3.798  1.00 20.09 ? 5   TYR A CE2 1 
ATOM   52  C  CZ  . TYR A 1 5  ? 9.664   -5.166  -3.471  1.00 21.92 ? 5   TYR A CZ  1 
ATOM   53  O  OH  . TYR A 1 5  ? 10.665  -4.987  -4.402  1.00 22.70 ? 5   TYR A OH  1 
ATOM   54  N  N   . ARG A 1 6  ? 5.875   -7.362  2.188   1.00 12.65 ? 6   ARG A N   1 
ATOM   55  C  CA  . ARG A 1 6  ? 4.984   -7.315  3.335   1.00 14.77 ? 6   ARG A CA  1 
ATOM   56  C  C   . ARG A 1 6  ? 4.456   -5.882  3.359   1.00 11.63 ? 6   ARG A C   1 
ATOM   57  O  O   . ARG A 1 6  ? 5.186   -4.940  3.042   1.00 11.34 ? 6   ARG A O   1 
ATOM   58  C  CB  . ARG A 1 6  ? 5.746   -7.567  4.632   1.00 17.15 ? 6   ARG A CB  1 
ATOM   59  C  CG  . ARG A 1 6  ? 6.022   -9.015  4.954   1.00 25.11 ? 6   ARG A CG  1 
ATOM   60  C  CD  . ARG A 1 6  ? 6.772   -9.084  6.270   1.00 29.09 ? 6   ARG A CD  1 
ATOM   61  N  NE  . ARG A 1 6  ? 8.035   -8.352  6.188   1.00 33.64 ? 6   ARG A NE  1 
ATOM   62  C  CZ  . ARG A 1 6  ? 8.529   -7.597  7.164   1.00 34.67 ? 6   ARG A CZ  1 
ATOM   63  N  NH1 . ARG A 1 6  ? 7.869   -7.468  8.305   1.00 35.83 ? 6   ARG A NH1 1 
ATOM   64  N  NH2 . ARG A 1 6  ? 9.684   -6.967  6.997   1.00 36.71 ? 6   ARG A NH2 1 
ATOM   65  N  N   . VAL A 1 7  ? 3.197   -5.716  3.734   1.00 11.17 ? 7   VAL A N   1 
ATOM   66  C  CA  . VAL A 1 7  ? 2.607   -4.387  3.798   1.00 11.36 ? 7   VAL A CA  1 
ATOM   67  C  C   . VAL A 1 7  ? 1.675   -4.300  4.997   1.00 13.10 ? 7   VAL A C   1 
ATOM   68  O  O   . VAL A 1 7  ? 1.071   -5.294  5.399   1.00 12.92 ? 7   VAL A O   1 
ATOM   69  C  CB  . VAL A 1 7  ? 1.798   -4.052  2.499   1.00 11.50 ? 7   VAL A CB  1 
ATOM   70  C  CG1 . VAL A 1 7  ? 0.530   -4.901  2.435   1.00 14.13 ? 7   VAL A CG1 1 
ATOM   71  C  CG2 . VAL A 1 7  ? 1.450   -2.568  2.461   1.00 14.56 ? 7   VAL A CG2 1 
ATOM   72  N  N   . VAL A 1 8  ? 1.586   -3.114  5.587   1.00 11.74 ? 8   VAL A N   1 
ATOM   73  C  CA  . VAL A 1 8  ? 0.698   -2.883  6.710   1.00 14.09 ? 8   VAL A CA  1 
ATOM   74  C  C   . VAL A 1 8  ? -0.083  -1.626  6.376   1.00 14.30 ? 8   VAL A C   1 
ATOM   75  O  O   . VAL A 1 8  ? 0.501   -0.572  6.107   1.00 15.55 ? 8   VAL A O   1 
ATOM   76  C  CB  . VAL A 1 8  ? 1.458   -2.660  8.034   1.00 13.92 ? 8   VAL A CB  1 
ATOM   77  C  CG1 . VAL A 1 8  ? 0.480   -2.257  9.120   1.00 17.31 ? 8   VAL A CG1 1 
ATOM   78  C  CG2 . VAL A 1 8  ? 2.184   -3.943  8.445   1.00 15.62 ? 8   VAL A CG2 1 
ATOM   79  N  N   . VAL A 1 9  ? -1.404  -1.743  6.390   1.00 13.10 ? 9   VAL A N   1 
ATOM   80  C  CA  . VAL A 1 9  ? -2.270  -0.618  6.082   1.00 14.71 ? 9   VAL A CA  1 
ATOM   81  C  C   . VAL A 1 9  ? -3.175  -0.306  7.257   1.00 16.18 ? 9   VAL A C   1 
ATOM   82  O  O   . VAL A 1 9  ? -3.763  -1.207  7.857   1.00 16.51 ? 9   VAL A O   1 
ATOM   83  C  CB  . VAL A 1 9  ? -3.176  -0.911  4.873   1.00 14.15 ? 9   VAL A CB  1 
ATOM   84  C  CG1 . VAL A 1 9  ? -4.083  0.286   4.615   1.00 14.68 ? 9   VAL A CG1 1 
ATOM   85  C  CG2 . VAL A 1 9  ? -2.334  -1.222  3.645   1.00 11.99 ? 9   VAL A CG2 1 
ATOM   86  N  N   . GLU A 1 10 ? -3.297  0.973   7.583   1.00 18.39 ? 10  GLU A N   1 
ATOM   87  C  CA  . GLU A 1 10 ? -4.165  1.357   8.681   1.00 22.42 ? 10  GLU A CA  1 
ATOM   88  C  C   . GLU A 1 10 ? -5.025  2.549   8.310   1.00 22.00 ? 10  GLU A C   1 
ATOM   89  O  O   . GLU A 1 10 ? -4.607  3.422   7.556   1.00 21.34 ? 10  GLU A O   1 
ATOM   90  C  CB  . GLU A 1 10 ? -3.324  1.639   9.925   1.00 24.83 ? 10  GLU A CB  1 
ATOM   91  C  CG  . GLU A 1 10 ? -2.408  0.469   10.248  1.00 31.37 ? 10  GLU A CG  1 
ATOM   92  C  CD  . GLU A 1 10 ? -1.795  0.538   11.624  1.00 34.13 ? 10  GLU A CD  1 
ATOM   93  O  OE1 . GLU A 1 10 ? -2.552  0.473   12.617  1.00 35.91 ? 10  GLU A OE1 1 
ATOM   94  O  OE2 . GLU A 1 10 ? -0.552  0.652   11.707  1.00 38.44 ? 10  GLU A OE2 1 
ATOM   95  N  N   . ARG A 1 11 ? -6.248  2.551   8.827   1.00 23.42 ? 11  ARG A N   1 
ATOM   96  C  CA  . ARG A 1 11 ? -7.209  3.615   8.574   1.00 24.40 ? 11  ARG A CA  1 
ATOM   97  C  C   . ARG A 1 11 ? -7.307  4.453   9.850   1.00 24.75 ? 11  ARG A C   1 
ATOM   98  O  O   . ARG A 1 11 ? -7.601  3.919   10.918  1.00 25.27 ? 11  ARG A O   1 
ATOM   99  C  CB  . ARG A 1 11 ? -8.566  2.984   8.236   1.00 26.38 ? 11  ARG A CB  1 
ATOM   100 C  CG  . ARG A 1 11 ? -9.529  3.860   7.448   1.00 29.90 ? 11  ARG A CG  1 
ATOM   101 C  CD  . ARG A 1 11 ? -10.730 3.035   6.988   1.00 33.29 ? 11  ARG A CD  1 
ATOM   102 N  NE  . ARG A 1 11 ? -11.404 3.610   5.825   1.00 34.50 ? 11  ARG A NE  1 
ATOM   103 C  CZ  . ARG A 1 11 ? -12.267 2.946   5.059   1.00 36.97 ? 11  ARG A CZ  1 
ATOM   104 N  NH1 . ARG A 1 11 ? -12.566 1.680   5.335   1.00 35.87 ? 11  ARG A NH1 1 
ATOM   105 N  NH2 . ARG A 1 11 ? -12.819 3.537   4.004   1.00 36.16 ? 11  ARG A NH2 1 
ATOM   106 N  N   . ASP A 1 12 ? -7.051  5.756   9.753   1.00 24.80 ? 12  ASP A N   1 
ATOM   107 C  CA  . ASP A 1 12 ? -7.120  6.608   10.938  1.00 26.05 ? 12  ASP A CA  1 
ATOM   108 C  C   . ASP A 1 12 ? -8.545  7.060   11.244  1.00 27.55 ? 12  ASP A C   1 
ATOM   109 O  O   . ASP A 1 12 ? -9.484  6.722   10.524  1.00 25.65 ? 12  ASP A O   1 
ATOM   110 C  CB  . ASP A 1 12 ? -6.204  7.839   10.798  1.00 25.63 ? 12  ASP A CB  1 
ATOM   111 C  CG  . ASP A 1 12 ? -6.622  8.772   9.673   1.00 24.37 ? 12  ASP A CG  1 
ATOM   112 O  OD1 . ASP A 1 12 ? -7.817  8.797   9.321   1.00 22.88 ? 12  ASP A OD1 1 
ATOM   113 O  OD2 . ASP A 1 12 ? -5.748  9.501   9.156   1.00 23.10 ? 12  ASP A OD2 1 
ATOM   114 N  N   . GLU A 1 13 ? -8.688  7.823   12.324  1.00 29.52 ? 13  GLU A N   1 
ATOM   115 C  CA  . GLU A 1 13 ? -9.981  8.332   12.769  1.00 32.38 ? 13  GLU A CA  1 
ATOM   116 C  C   . GLU A 1 13 ? -10.762 9.022   11.657  1.00 32.95 ? 13  GLU A C   1 
ATOM   117 O  O   . GLU A 1 13 ? -11.982 8.876   11.570  1.00 34.43 ? 13  GLU A O   1 
ATOM   118 C  CB  . GLU A 1 13 ? -9.776  9.296   13.942  1.00 33.06 ? 13  GLU A CB  1 
ATOM   119 C  CG  . GLU A 1 13 ? -11.009 10.092  14.353  1.00 37.18 ? 13  GLU A CG  1 
ATOM   120 C  CD  . GLU A 1 13 ? -11.292 11.270  13.433  1.00 36.98 ? 13  GLU A CD  1 
ATOM   121 O  OE1 . GLU A 1 13 ? -10.352 12.043  13.140  1.00 38.86 ? 13  GLU A OE1 1 
ATOM   122 O  OE2 . GLU A 1 13 ? -12.456 11.426  13.009  1.00 38.83 ? 13  GLU A OE2 1 
ATOM   123 N  N   . GLU A 1 14 ? -10.057 9.776   10.818  1.00 33.42 ? 14  GLU A N   1 
ATOM   124 C  CA  . GLU A 1 14 ? -10.682 10.486  9.709   1.00 34.16 ? 14  GLU A CA  1 
ATOM   125 C  C   . GLU A 1 14 ? -11.031 9.516   8.587   1.00 33.65 ? 14  GLU A C   1 
ATOM   126 O  O   . GLU A 1 14 ? -11.640 9.898   7.590   1.00 33.49 ? 14  GLU A O   1 
ATOM   127 C  CB  . GLU A 1 14 ? -9.738  11.566  9.173   1.00 35.48 ? 14  GLU A CB  1 
ATOM   128 C  CG  . GLU A 1 14 ? -9.356  12.619  10.196  1.00 40.87 ? 14  GLU A CG  1 
ATOM   129 C  CD  . GLU A 1 14 ? -8.276  13.559  9.691   1.00 42.93 ? 14  GLU A CD  1 
ATOM   130 O  OE1 . GLU A 1 14 ? -7.187  13.068  9.319   1.00 45.06 ? 14  GLU A OE1 1 
ATOM   131 O  OE2 . GLU A 1 14 ? -8.512  14.788  9.672   1.00 44.91 ? 14  GLU A OE2 1 
ATOM   132 N  N   . GLY A 1 15 ? -10.644 8.256   8.754   1.00 32.43 ? 15  GLY A N   1 
ATOM   133 C  CA  . GLY A 1 15 ? -10.924 7.268   7.731   1.00 30.41 ? 15  GLY A CA  1 
ATOM   134 C  C   . GLY A 1 15 ? -9.898  7.319   6.612   1.00 28.78 ? 15  GLY A C   1 
ATOM   135 O  O   . GLY A 1 15 ? -10.115 6.758   5.533   1.00 28.74 ? 15  GLY A O   1 
ATOM   136 N  N   . TYR A 1 16 ? -8.781  8.000   6.858   1.00 25.47 ? 16  TYR A N   1 
ATOM   137 C  CA  . TYR A 1 16 ? -7.720  8.100   5.861   1.00 25.28 ? 16  TYR A CA  1 
ATOM   138 C  C   . TYR A 1 16 ? -6.724  6.961   6.049   1.00 22.28 ? 16  TYR A C   1 
ATOM   139 O  O   . TYR A 1 16 ? -6.588  6.424   7.146   1.00 22.53 ? 16  TYR A O   1 
ATOM   140 C  CB  . TYR A 1 16 ? -7.021  9.461   5.951   1.00 26.92 ? 16  TYR A CB  1 
ATOM   141 C  CG  . TYR A 1 16 ? -7.909  10.624  5.537   1.00 30.42 ? 16  TYR A CG  1 
ATOM   142 C  CD1 . TYR A 1 16 ? -9.141  10.400  4.914   1.00 31.78 ? 16  TYR A CD1 1 
ATOM   143 C  CD2 . TYR A 1 16 ? -7.510  11.943  5.752   1.00 30.73 ? 16  TYR A CD2 1 
ATOM   144 C  CE1 . TYR A 1 16 ? -9.956  11.459  4.515   1.00 32.53 ? 16  TYR A CE1 1 
ATOM   145 C  CE2 . TYR A 1 16 ? -8.318  13.015  5.355   1.00 32.25 ? 16  TYR A CE2 1 
ATOM   146 C  CZ  . TYR A 1 16 ? -9.539  12.763  4.738   1.00 33.68 ? 16  TYR A CZ  1 
ATOM   147 O  OH  . TYR A 1 16 ? -10.342 13.810  4.337   1.00 33.53 ? 16  TYR A OH  1 
ATOM   148 N  N   . PHE A 1 17 ? -6.025  6.606   4.974   1.00 22.14 ? 17  PHE A N   1 
ATOM   149 C  CA  . PHE A 1 17 ? -5.087  5.487   4.996   1.00 20.16 ? 17  PHE A CA  1 
ATOM   150 C  C   . PHE A 1 17 ? -3.603  5.826   4.976   1.00 20.53 ? 17  PHE A C   1 
ATOM   151 O  O   . PHE A 1 17 ? -3.178  6.835   4.415   1.00 20.56 ? 17  PHE A O   1 
ATOM   152 C  CB  . PHE A 1 17 ? -5.356  4.571   3.800   1.00 21.05 ? 17  PHE A CB  1 
ATOM   153 C  CG  . PHE A 1 17 ? -6.747  4.019   3.748   1.00 22.75 ? 17  PHE A CG  1 
ATOM   154 C  CD1 . PHE A 1 17 ? -7.069  2.844   4.419   1.00 23.48 ? 17  PHE A CD1 1 
ATOM   155 C  CD2 . PHE A 1 17 ? -7.737  4.668   3.011   1.00 24.09 ? 17  PHE A CD2 1 
ATOM   156 C  CE1 . PHE A 1 17 ? -8.363  2.315   4.356   1.00 24.97 ? 17  PHE A CE1 1 
ATOM   157 C  CE2 . PHE A 1 17 ? -9.031  4.150   2.942   1.00 25.79 ? 17  PHE A CE2 1 
ATOM   158 C  CZ  . PHE A 1 17 ? -9.345  2.968   3.617   1.00 25.07 ? 17  PHE A CZ  1 
ATOM   159 N  N   . VAL A 1 18 ? -2.822  4.945   5.588   1.00 19.63 ? 18  VAL A N   1 
ATOM   160 C  CA  . VAL A 1 18 ? -1.379  5.070   5.615   1.00 20.52 ? 18  VAL A CA  1 
ATOM   161 C  C   . VAL A 1 18 ? -0.857  3.654   5.424   1.00 20.10 ? 18  VAL A C   1 
ATOM   162 O  O   . VAL A 1 18 ? -1.257  2.743   6.147   1.00 20.29 ? 18  VAL A O   1 
ATOM   163 C  CB  . VAL A 1 18 ? -0.872  5.611   6.962   1.00 22.80 ? 18  VAL A CB  1 
ATOM   164 C  CG1 . VAL A 1 18 ? 0.647   5.762   6.920   1.00 24.49 ? 18  VAL A CG1 1 
ATOM   165 C  CG2 . VAL A 1 18 ? -1.544  6.943   7.273   1.00 21.91 ? 18  VAL A CG2 1 
ATOM   166 N  N   . ALA A 1 19 ? 0.013   3.459   4.441   1.00 17.94 ? 19  ALA A N   1 
ATOM   167 C  CA  . ALA A 1 19 ? 0.572   2.141   4.190   1.00 17.57 ? 19  ALA A CA  1 
ATOM   168 C  C   . ALA A 1 19 ? 2.070   2.154   4.465   1.00 17.99 ? 19  ALA A C   1 
ATOM   169 O  O   . ALA A 1 19 ? 2.750   3.158   4.240   1.00 20.85 ? 19  ALA A O   1 
ATOM   170 C  CB  . ALA A 1 19 ? 0.305   1.717   2.750   1.00 17.61 ? 19  ALA A CB  1 
ATOM   171 N  N   . HIS A 1 20 ? 2.574   1.033   4.969   1.00 15.48 ? 20  HIS A N   1 
ATOM   172 C  CA  . HIS A 1 20 ? 3.986   0.898   5.271   1.00 15.21 ? 20  HIS A CA  1 
ATOM   173 C  C   . HIS A 1 20 ? 4.496   -0.379  4.612   1.00 14.40 ? 20  HIS A C   1 
ATOM   174 O  O   . HIS A 1 20 ? 3.947   -1.460  4.836   1.00 12.94 ? 20  HIS A O   1 
ATOM   175 C  CB  . HIS A 1 20 ? 4.183   0.809   6.788   1.00 14.23 ? 20  HIS A CB  1 
ATOM   176 C  CG  . HIS A 1 20 ? 5.613   0.704   7.219   1.00 14.06 ? 20  HIS A CG  1 
ATOM   177 N  ND1 . HIS A 1 20 ? 5.982   0.138   8.422   1.00 15.59 ? 20  HIS A ND1 1 
ATOM   178 C  CD2 . HIS A 1 20 ? 6.760   1.132   6.638   1.00 14.42 ? 20  HIS A CD2 1 
ATOM   179 C  CE1 . HIS A 1 20 ? 7.293   0.225   8.566   1.00 14.87 ? 20  HIS A CE1 1 
ATOM   180 N  NE2 . HIS A 1 20 ? 7.790   0.825   7.499   1.00 13.22 ? 20  HIS A NE2 1 
ATOM   181 N  N   . VAL A 1 21 ? 5.521   -0.244  3.777   1.00 11.99 ? 21  VAL A N   1 
ATOM   182 C  CA  . VAL A 1 21 ? 6.134   -1.389  3.121   1.00 13.97 ? 21  VAL A CA  1 
ATOM   183 C  C   . VAL A 1 21 ? 7.532   -1.407  3.732   1.00 13.95 ? 21  VAL A C   1 
ATOM   184 O  O   . VAL A 1 21 ? 8.461   -0.774  3.218   1.00 13.39 ? 21  VAL A O   1 
ATOM   185 C  CB  . VAL A 1 21 ? 6.217   -1.197  1.586   1.00 13.46 ? 21  VAL A CB  1 
ATOM   186 C  CG1 . VAL A 1 21 ? 6.865   -2.404  0.950   1.00 10.74 ? 21  VAL A CG1 1 
ATOM   187 C  CG2 . VAL A 1 21 ? 4.815   -0.985  1.004   1.00 15.00 ? 21  VAL A CG2 1 
ATOM   188 N  N   . PRO A 1 22 ? 7.698   -2.131  4.851   1.00 14.99 ? 22  PRO A N   1 
ATOM   189 C  CA  . PRO A 1 22 ? 8.990   -2.211  5.540   1.00 15.75 ? 22  PRO A CA  1 
ATOM   190 C  C   . PRO A 1 22 ? 10.232  -2.584  4.734   1.00 16.70 ? 22  PRO A C   1 
ATOM   191 O  O   . PRO A 1 22 ? 11.285  -1.971  4.909   1.00 18.42 ? 22  PRO A O   1 
ATOM   192 C  CB  . PRO A 1 22 ? 8.712   -3.177  6.692   1.00 15.92 ? 22  PRO A CB  1 
ATOM   193 C  CG  . PRO A 1 22 ? 7.578   -4.023  6.176   1.00 13.51 ? 22  PRO A CG  1 
ATOM   194 C  CD  . PRO A 1 22 ? 6.705   -3.015  5.490   1.00 12.74 ? 22  PRO A CD  1 
ATOM   195 N  N   . GLU A 1 23 ? 10.124  -3.573  3.857   1.00 16.40 ? 23  GLU A N   1 
ATOM   196 C  CA  . GLU A 1 23 ? 11.277  -3.978  3.062   1.00 20.15 ? 23  GLU A CA  1 
ATOM   197 C  C   . GLU A 1 23 ? 11.762  -2.844  2.158   1.00 21.21 ? 23  GLU A C   1 
ATOM   198 O  O   . GLU A 1 23 ? 12.948  -2.784  1.813   1.00 21.67 ? 23  GLU A O   1 
ATOM   199 C  CB  . GLU A 1 23 ? 10.941  -5.211  2.222   1.00 23.05 ? 23  GLU A CB  1 
ATOM   200 C  CG  . GLU A 1 23 ? 12.155  -5.859  1.571   1.00 28.77 ? 23  GLU A CG  1 
ATOM   201 C  CD  . GLU A 1 23 ? 11.813  -7.137  0.832   1.00 32.04 ? 23  GLU A CD  1 
ATOM   202 O  OE1 . GLU A 1 23 ? 10.997  -7.926  1.356   1.00 31.80 ? 23  GLU A OE1 1 
ATOM   203 O  OE2 . GLU A 1 23 ? 12.372  -7.360  -0.266  1.00 33.97 ? 23  GLU A OE2 1 
ATOM   204 N  N   . LEU A 1 24 ? 10.855  -1.947  1.779   1.00 18.86 ? 24  LEU A N   1 
ATOM   205 C  CA  . LEU A 1 24 ? 11.213  -0.819  0.921   1.00 19.86 ? 24  LEU A CA  1 
ATOM   206 C  C   . LEU A 1 24 ? 11.392  0.485   1.698   1.00 18.73 ? 24  LEU A C   1 
ATOM   207 O  O   . LEU A 1 24 ? 11.553  1.559   1.104   1.00 17.96 ? 24  LEU A O   1 
ATOM   208 C  CB  . LEU A 1 24 ? 10.157  -0.623  -0.175  1.00 17.45 ? 24  LEU A CB  1 
ATOM   209 C  CG  . LEU A 1 24 ? 9.970   -1.785  -1.153  1.00 20.12 ? 24  LEU A CG  1 
ATOM   210 C  CD1 . LEU A 1 24 ? 8.905   -1.419  -2.190  1.00 19.57 ? 24  LEU A CD1 1 
ATOM   211 C  CD2 . LEU A 1 24 ? 11.299  -2.108  -1.826  1.00 21.61 ? 24  LEU A CD2 1 
ATOM   212 N  N   . HIS A 1 25 ? 11.352  0.391   3.026   1.00 18.94 ? 25  HIS A N   1 
ATOM   213 C  CA  . HIS A 1 25 ? 11.516  1.558   3.894   1.00 21.64 ? 25  HIS A CA  1 
ATOM   214 C  C   . HIS A 1 25 ? 10.636  2.707   3.414   1.00 22.90 ? 25  HIS A C   1 
ATOM   215 O  O   . HIS A 1 25 ? 11.024  3.875   3.487   1.00 23.32 ? 25  HIS A O   1 
ATOM   216 C  CB  . HIS A 1 25 ? 12.986  2.001   3.884   1.00 23.58 ? 25  HIS A CB  1 
ATOM   217 C  CG  . HIS A 1 25 ? 13.952  0.868   4.018   1.00 24.68 ? 25  HIS A CG  1 
ATOM   218 N  ND1 . HIS A 1 25 ? 13.995  0.054   5.130   1.00 28.01 ? 25  HIS A ND1 1 
ATOM   219 C  CD2 . HIS A 1 25 ? 14.878  0.381   3.159   1.00 26.55 ? 25  HIS A CD2 1 
ATOM   220 C  CE1 . HIS A 1 25 ? 14.905  -0.886  4.950   1.00 28.12 ? 25  HIS A CE1 1 
ATOM   221 N  NE2 . HIS A 1 25 ? 15.455  -0.711  3.762   1.00 27.62 ? 25  HIS A NE2 1 
ATOM   222 N  N   . ALA A 1 26 ? 9.444   2.377   2.926   1.00 21.83 ? 26  ALA A N   1 
ATOM   223 C  CA  . ALA A 1 26 ? 8.540   3.393   2.406   1.00 21.80 ? 26  ALA A CA  1 
ATOM   224 C  C   . ALA A 1 26 ? 7.198   3.506   3.106   1.00 20.88 ? 26  ALA A C   1 
ATOM   225 O  O   . ALA A 1 26 ? 6.667   2.530   3.649   1.00 19.13 ? 26  ALA A O   1 
ATOM   226 C  CB  . ALA A 1 26 ? 8.316   3.159   0.912   1.00 23.09 ? 26  ALA A CB  1 
ATOM   227 N  N   . HIS A 1 27 ? 6.659   4.719   3.076   1.00 21.27 ? 27  HIS A N   1 
ATOM   228 C  CA  . HIS A 1 27 ? 5.366   5.039   3.661   1.00 21.72 ? 27  HIS A CA  1 
ATOM   229 C  C   . HIS A 1 27 ? 4.589   5.827   2.615   1.00 22.67 ? 27  HIS A C   1 
ATOM   230 O  O   . HIS A 1 27 ? 5.154   6.688   1.933   1.00 20.54 ? 27  HIS A O   1 
ATOM   231 C  CB  . HIS A 1 27 ? 5.538   5.907   4.913   1.00 25.45 ? 27  HIS A CB  1 
ATOM   232 C  CG  . HIS A 1 27 ? 6.020   5.157   6.115   1.00 26.69 ? 27  HIS A CG  1 
ATOM   233 N  ND1 . HIS A 1 27 ? 5.162   4.635   7.060   1.00 29.61 ? 27  HIS A ND1 1 
ATOM   234 C  CD2 . HIS A 1 27 ? 7.271   4.834   6.523   1.00 27.86 ? 27  HIS A CD2 1 
ATOM   235 C  CE1 . HIS A 1 27 ? 5.864   4.025   7.999   1.00 28.58 ? 27  HIS A CE1 1 
ATOM   236 N  NE2 . HIS A 1 27 ? 7.146   4.131   7.696   1.00 28.56 ? 27  HIS A NE2 1 
ATOM   237 N  N   . THR A 1 28 ? 3.306   5.517   2.467   1.00 20.89 ? 28  THR A N   1 
ATOM   238 C  CA  . THR A 1 28 ? 2.458   6.232   1.524   1.00 24.36 ? 28  THR A CA  1 
ATOM   239 C  C   . THR A 1 28 ? 1.114   6.455   2.208   1.00 23.88 ? 28  THR A C   1 
ATOM   240 O  O   . THR A 1 28 ? 0.667   5.630   3.010   1.00 24.15 ? 28  THR A O   1 
ATOM   241 C  CB  . THR A 1 28 ? 2.243   5.441   0.204   1.00 25.88 ? 28  THR A CB  1 
ATOM   242 O  OG1 . THR A 1 28 ? 1.405   4.311   0.447   1.00 31.52 ? 28  THR A OG1 1 
ATOM   243 C  CG2 . THR A 1 28 ? 3.566   4.951   -0.350  1.00 27.97 ? 28  THR A CG2 1 
ATOM   244 N  N   . GLN A 1 29 ? 0.476   7.577   1.908   1.00 22.23 ? 29  GLN A N   1 
ATOM   245 C  CA  . GLN A 1 29 ? -0.808  7.897   2.510   1.00 22.03 ? 29  GLN A CA  1 
ATOM   246 C  C   . GLN A 1 29 ? -1.789  8.396   1.458   1.00 21.26 ? 29  GLN A C   1 
ATOM   247 O  O   . GLN A 1 29 ? -1.380  8.879   0.399   1.00 21.87 ? 29  GLN A O   1 
ATOM   248 C  CB  . GLN A 1 29 ? -0.614  8.946   3.612   1.00 23.70 ? 29  GLN A CB  1 
ATOM   249 C  CG  . GLN A 1 29 ? 0.083   10.225  3.148   1.00 24.68 ? 29  GLN A CG  1 
ATOM   250 C  CD  . GLN A 1 29 ? 0.660   11.028  4.302   1.00 27.81 ? 29  GLN A CD  1 
ATOM   251 O  OE1 . GLN A 1 29 ? 1.594   10.588  4.977   1.00 28.36 ? 29  GLN A OE1 1 
ATOM   252 N  NE2 . GLN A 1 29 ? 0.105   12.211  4.535   1.00 27.67 ? 29  GLN A NE2 1 
ATOM   253 N  N   . ALA A 1 30 ? -3.080  8.259   1.747   1.00 21.19 ? 30  ALA A N   1 
ATOM   254 C  CA  . ALA A 1 30 ? -4.136  8.690   0.835   1.00 23.53 ? 30  ALA A CA  1 
ATOM   255 C  C   . ALA A 1 30 ? -5.460  8.770   1.579   1.00 24.15 ? 30  ALA A C   1 
ATOM   256 O  O   . ALA A 1 30 ? -5.606  8.197   2.658   1.00 23.56 ? 30  ALA A O   1 
ATOM   257 C  CB  . ALA A 1 30 ? -4.253  7.719   -0.326  1.00 23.87 ? 30  ALA A CB  1 
ATOM   258 N  N   . GLN A 1 31 ? -6.428  9.473   0.998   1.00 25.76 ? 31  GLN A N   1 
ATOM   259 C  CA  . GLN A 1 31 ? -7.733  9.628   1.634   1.00 26.35 ? 31  GLN A CA  1 
ATOM   260 C  C   . GLN A 1 31 ? -8.738  8.547   1.256   1.00 25.79 ? 31  GLN A C   1 
ATOM   261 O  O   . GLN A 1 31 ? -9.798  8.435   1.875   1.00 26.51 ? 31  GLN A O   1 
ATOM   262 C  CB  . GLN A 1 31 ? -8.314  11.005  1.314   1.00 28.94 ? 31  GLN A CB  1 
ATOM   263 C  CG  . GLN A 1 31 ? -7.504  12.162  1.891   1.00 32.59 ? 31  GLN A CG  1 
ATOM   264 C  CD  . GLN A 1 31 ? -8.224  13.490  1.776   1.00 34.12 ? 31  GLN A CD  1 
ATOM   265 O  OE1 . GLN A 1 31 ? -9.296  13.578  1.174   1.00 37.18 ? 31  GLN A OE1 1 
ATOM   266 N  NE2 . GLN A 1 31 ? -7.640  14.533  2.354   1.00 36.22 ? 31  GLN A NE2 1 
ATOM   267 N  N   . SER A 1 32 ? -8.415  7.757   0.239   1.00 24.19 ? 32  SER A N   1 
ATOM   268 C  CA  . SER A 1 32 ? -9.299  6.679   -0.183  1.00 23.24 ? 32  SER A CA  1 
ATOM   269 C  C   . SER A 1 32 ? -8.479  5.431   -0.478  1.00 22.63 ? 32  SER A C   1 
ATOM   270 O  O   . SER A 1 32 ? -7.264  5.505   -0.653  1.00 22.20 ? 32  SER A O   1 
ATOM   271 C  CB  . SER A 1 32 ? -10.085 7.080   -1.430  1.00 22.74 ? 32  SER A CB  1 
ATOM   272 O  OG  . SER A 1 32 ? -9.236  7.179   -2.558  1.00 22.39 ? 32  SER A OG  1 
ATOM   273 N  N   . PHE A 1 33 ? -9.144  4.285   -0.532  1.00 23.53 ? 33  PHE A N   1 
ATOM   274 C  CA  . PHE A 1 33 ? -8.457  3.037   -0.817  1.00 25.15 ? 33  PHE A CA  1 
ATOM   275 C  C   . PHE A 1 33 ? -7.931  3.048   -2.252  1.00 24.24 ? 33  PHE A C   1 
ATOM   276 O  O   . PHE A 1 33 ? -6.823  2.584   -2.515  1.00 23.72 ? 33  PHE A O   1 
ATOM   277 C  CB  . PHE A 1 33 ? -9.405  1.856   -0.612  1.00 28.69 ? 33  PHE A CB  1 
ATOM   278 C  CG  . PHE A 1 33 ? -8.712  0.584   -0.221  1.00 32.02 ? 33  PHE A CG  1 
ATOM   279 C  CD1 . PHE A 1 33 ? -7.773  0.579   0.809   1.00 32.66 ? 33  PHE A CD1 1 
ATOM   280 C  CD2 . PHE A 1 33 ? -9.019  -0.617  -0.854  1.00 34.02 ? 33  PHE A CD2 1 
ATOM   281 C  CE1 . PHE A 1 33 ? -7.150  -0.599  1.208   1.00 34.22 ? 33  PHE A CE1 1 
ATOM   282 C  CE2 . PHE A 1 33 ? -8.401  -1.803  -0.461  1.00 34.78 ? 33  PHE A CE2 1 
ATOM   283 C  CZ  . PHE A 1 33 ? -7.463  -1.794  0.574   1.00 35.81 ? 33  PHE A CZ  1 
ATOM   284 N  N   . GLU A 1 34 ? -8.718  3.595   -3.173  1.00 23.84 ? 34  GLU A N   1 
ATOM   285 C  CA  . GLU A 1 34 ? -8.317  3.659   -4.580  1.00 22.83 ? 34  GLU A CA  1 
ATOM   286 C  C   . GLU A 1 34 ? -7.039  4.482   -4.731  1.00 21.37 ? 34  GLU A C   1 
ATOM   287 O  O   . GLU A 1 34 ? -6.112  4.092   -5.450  1.00 19.89 ? 34  GLU A O   1 
ATOM   288 C  CB  . GLU A 1 34 ? -9.430  4.288   -5.424  1.00 24.31 ? 34  GLU A CB  1 
ATOM   289 C  CG  . GLU A 1 34 ? -9.208  4.191   -6.927  1.00 28.17 ? 34  GLU A CG  1 
ATOM   290 C  CD  . GLU A 1 34 ? -9.237  2.757   -7.438  1.00 29.87 ? 34  GLU A CD  1 
ATOM   291 O  OE1 . GLU A 1 34 ? -10.242 2.052   -7.192  1.00 29.98 ? 34  GLU A OE1 1 
ATOM   292 O  OE2 . GLU A 1 34 ? -8.256  2.334   -8.093  1.00 33.42 ? 34  GLU A OE2 1 
ATOM   293 N  N   . GLU A 1 35 ? -7.000  5.621   -4.049  1.00 20.63 ? 35  GLU A N   1 
ATOM   294 C  CA  . GLU A 1 35 ? -5.848  6.513   -4.093  1.00 22.59 ? 35  GLU A CA  1 
ATOM   295 C  C   . GLU A 1 35 ? -4.632  5.843   -3.465  1.00 20.14 ? 35  GLU A C   1 
ATOM   296 O  O   . GLU A 1 35 ? -3.512  5.985   -3.961  1.00 18.90 ? 35  GLU A O   1 
ATOM   297 C  CB  . GLU A 1 35 ? -6.157  7.807   -3.339  1.00 25.20 ? 35  GLU A CB  1 
ATOM   298 C  CG  . GLU A 1 35 ? -5.102  8.882   -3.489  1.00 30.05 ? 35  GLU A CG  1 
ATOM   299 C  CD  . GLU A 1 35 ? -5.236  9.976   -2.445  1.00 34.16 ? 35  GLU A CD  1 
ATOM   300 O  OE1 . GLU A 1 35 ? -6.382  10.352  -2.111  1.00 36.14 ? 35  GLU A OE1 1 
ATOM   301 O  OE2 . GLU A 1 35 ? -4.194  10.468  -1.963  1.00 36.53 ? 35  GLU A OE2 1 
ATOM   302 N  N   . LEU A 1 36 ? -4.854  5.114   -2.372  1.00 19.12 ? 36  LEU A N   1 
ATOM   303 C  CA  . LEU A 1 36 ? -3.759  4.436   -1.690  1.00 19.03 ? 36  LEU A CA  1 
ATOM   304 C  C   . LEU A 1 36 ? -3.084  3.446   -2.626  1.00 17.80 ? 36  LEU A C   1 
ATOM   305 O  O   . LEU A 1 36 ? -1.861  3.452   -2.757  1.00 18.28 ? 36  LEU A O   1 
ATOM   306 C  CB  . LEU A 1 36 ? -4.262  3.705   -0.437  1.00 19.24 ? 36  LEU A CB  1 
ATOM   307 C  CG  . LEU A 1 36 ? -3.167  3.087   0.444   1.00 20.11 ? 36  LEU A CG  1 
ATOM   308 C  CD1 . LEU A 1 36 ? -2.342  4.196   1.093   1.00 20.94 ? 36  LEU A CD1 1 
ATOM   309 C  CD2 . LEU A 1 36 ? -3.796  2.201   1.508   1.00 21.80 ? 36  LEU A CD2 1 
ATOM   310 N  N   . LEU A 1 37 ? -3.879  2.601   -3.282  1.00 18.83 ? 37  LEU A N   1 
ATOM   311 C  CA  . LEU A 1 37 ? -3.337  1.618   -4.212  1.00 19.42 ? 37  LEU A CA  1 
ATOM   312 C  C   . LEU A 1 37 ? -2.515  2.305   -5.297  1.00 19.02 ? 37  LEU A C   1 
ATOM   313 O  O   . LEU A 1 37 ? -1.405  1.876   -5.606  1.00 17.34 ? 37  LEU A O   1 
ATOM   314 C  CB  . LEU A 1 37 ? -4.462  0.810   -4.868  1.00 21.20 ? 37  LEU A CB  1 
ATOM   315 C  CG  . LEU A 1 37 ? -4.031  -0.232  -5.911  1.00 23.96 ? 37  LEU A CG  1 
ATOM   316 C  CD1 . LEU A 1 37 ? -3.162  -1.282  -5.234  1.00 26.20 ? 37  LEU A CD1 1 
ATOM   317 C  CD2 . LEU A 1 37 ? -5.250  -0.883  -6.552  1.00 26.27 ? 37  LEU A CD2 1 
ATOM   318 N  N   . ARG A 1 38 ? -3.054  3.382   -5.867  1.00 18.94 ? 38  ARG A N   1 
ATOM   319 C  CA  . ARG A 1 38 ? -2.350  4.098   -6.930  1.00 20.13 ? 38  ARG A CA  1 
ATOM   320 C  C   . ARG A 1 38 ? -1.008  4.659   -6.476  1.00 21.28 ? 38  ARG A C   1 
ATOM   321 O  O   . ARG A 1 38 ? -0.002  4.509   -7.173  1.00 22.93 ? 38  ARG A O   1 
ATOM   322 C  CB  . ARG A 1 38 ? -3.215  5.232   -7.495  1.00 23.59 ? 38  ARG A CB  1 
ATOM   323 C  CG  . ARG A 1 38 ? -2.532  6.028   -8.611  1.00 28.85 ? 38  ARG A CG  1 
ATOM   324 C  CD  . ARG A 1 38 ? -3.439  7.114   -9.172  1.00 30.08 ? 38  ARG A CD  1 
ATOM   325 N  NE  . ARG A 1 38 ? -3.785  8.130   -8.180  1.00 34.22 ? 38  ARG A NE  1 
ATOM   326 C  CZ  . ARG A 1 38 ? -2.934  9.031   -7.697  1.00 35.80 ? 38  ARG A CZ  1 
ATOM   327 N  NH1 . ARG A 1 38 ? -1.673  9.051   -8.111  1.00 36.46 ? 38  ARG A NH1 1 
ATOM   328 N  NH2 . ARG A 1 38 ? -3.347  9.921   -6.804  1.00 38.47 ? 38  ARG A NH2 1 
ATOM   329 N  N   . ARG A 1 39 ? -0.986  5.303   -5.312  1.00 19.06 ? 39  ARG A N   1 
ATOM   330 C  CA  . ARG A 1 39 ? 0.253   5.874   -4.805  1.00 21.29 ? 39  ARG A CA  1 
ATOM   331 C  C   . ARG A 1 39 ? 1.227   4.787   -4.370  1.00 20.42 ? 39  ARG A C   1 
ATOM   332 O  O   . ARG A 1 39 ? 2.443   4.930   -4.516  1.00 20.05 ? 39  ARG A O   1 
ATOM   333 C  CB  . ARG A 1 39 ? -0.041  6.831   -3.650  1.00 21.82 ? 39  ARG A CB  1 
ATOM   334 C  CG  . ARG A 1 39 ? -0.726  8.102   -4.122  1.00 23.56 ? 39  ARG A CG  1 
ATOM   335 C  CD  . ARG A 1 39 ? -0.934  9.096   -3.009  1.00 26.89 ? 39  ARG A CD  1 
ATOM   336 N  NE  . ARG A 1 39 ? -1.575  10.312  -3.506  1.00 29.00 ? 39  ARG A NE  1 
ATOM   337 C  CZ  . ARG A 1 39 ? -1.023  11.147  -4.382  1.00 32.02 ? 39  ARG A CZ  1 
ATOM   338 N  NH1 . ARG A 1 39 ? 0.189   10.905  -4.865  1.00 32.83 ? 39  ARG A NH1 1 
ATOM   339 N  NH2 . ARG A 1 39 ? -1.689  12.222  -4.785  1.00 32.82 ? 39  ARG A NH2 1 
ATOM   340 N  N   . LEU A 1 40 ? 0.685   3.696   -3.844  1.00 20.59 ? 40  LEU A N   1 
ATOM   341 C  CA  . LEU A 1 40 ? 1.503   2.576   -3.400  1.00 20.80 ? 40  LEU A CA  1 
ATOM   342 C  C   . LEU A 1 40 ? 2.244   1.993   -4.610  1.00 20.36 ? 40  LEU A C   1 
ATOM   343 O  O   . LEU A 1 40 ? 3.450   1.743   -4.555  1.00 18.42 ? 40  LEU A O   1 
ATOM   344 C  CB  . LEU A 1 40 ? 0.603   1.518   -2.756  1.00 21.78 ? 40  LEU A CB  1 
ATOM   345 C  CG  . LEU A 1 40 ? 1.210   0.489   -1.802  1.00 25.49 ? 40  LEU A CG  1 
ATOM   346 C  CD1 . LEU A 1 40 ? 2.025   1.176   -0.713  1.00 24.86 ? 40  LEU A CD1 1 
ATOM   347 C  CD2 . LEU A 1 40 ? 0.075   -0.331  -1.179  1.00 24.91 ? 40  LEU A CD2 1 
ATOM   348 N  N   . GLN A 1 41 ? 1.517   1.784   -5.702  1.00 20.17 ? 41  GLN A N   1 
ATOM   349 C  CA  . GLN A 1 41 ? 2.108   1.246   -6.921  1.00 22.08 ? 41  GLN A CA  1 
ATOM   350 C  C   . GLN A 1 41 ? 3.155   2.215   -7.468  1.00 22.28 ? 41  GLN A C   1 
ATOM   351 O  O   . GLN A 1 41 ? 4.244   1.799   -7.866  1.00 21.04 ? 41  GLN A O   1 
ATOM   352 C  CB  . GLN A 1 41 ? 1.020   0.981   -7.969  1.00 21.89 ? 41  GLN A CB  1 
ATOM   353 C  CG  . GLN A 1 41 ? 0.176   -0.257  -7.656  1.00 24.22 ? 41  GLN A CG  1 
ATOM   354 C  CD  . GLN A 1 41 ? -0.988  -0.466  -8.612  1.00 25.20 ? 41  GLN A CD  1 
ATOM   355 O  OE1 . GLN A 1 41 ? -1.660  -1.496  -8.562  1.00 26.18 ? 41  GLN A OE1 1 
ATOM   356 N  NE2 . GLN A 1 41 ? -1.233  0.508   -9.482  1.00 25.58 ? 41  GLN A NE2 1 
ATOM   357 N  N   . GLU A 1 42 ? 2.834   3.506   -7.477  1.00 21.64 ? 42  GLU A N   1 
ATOM   358 C  CA  . GLU A 1 42 ? 3.780   4.503   -7.973  1.00 23.16 ? 42  GLU A CA  1 
ATOM   359 C  C   . GLU A 1 42 ? 5.030   4.538   -7.095  1.00 20.75 ? 42  GLU A C   1 
ATOM   360 O  O   . GLU A 1 42 ? 6.144   4.614   -7.603  1.00 21.72 ? 42  GLU A O   1 
ATOM   361 C  CB  . GLU A 1 42 ? 3.130   5.891   -8.014  1.00 25.65 ? 42  GLU A CB  1 
ATOM   362 C  CG  . GLU A 1 42 ? 1.832   5.927   -8.805  1.00 32.62 ? 42  GLU A CG  1 
ATOM   363 C  CD  . GLU A 1 42 ? 1.246   7.322   -8.928  1.00 35.54 ? 42  GLU A CD  1 
ATOM   364 O  OE1 . GLU A 1 42 ? 1.332   8.100   -7.951  1.00 39.45 ? 42  GLU A OE1 1 
ATOM   365 O  OE2 . GLU A 1 42 ? 0.687   7.632   -10.003 1.00 38.25 ? 42  GLU A OE2 1 
ATOM   366 N  N   . ALA A 1 43 ? 4.844   4.468   -5.779  1.00 19.75 ? 43  ALA A N   1 
ATOM   367 C  CA  . ALA A 1 43 ? 5.966   4.490   -4.852  1.00 18.48 ? 43  ALA A CA  1 
ATOM   368 C  C   . ALA A 1 43 ? 6.856   3.255   -4.986  1.00 18.00 ? 43  ALA A C   1 
ATOM   369 O  O   . ALA A 1 43 ? 8.076   3.364   -4.933  1.00 17.31 ? 43  ALA A O   1 
ATOM   370 C  CB  . ALA A 1 43 ? 5.463   4.620   -3.416  1.00 19.83 ? 43  ALA A CB  1 
ATOM   371 N  N   . ILE A 1 44 ? 6.252   2.082   -5.156  1.00 16.64 ? 44  ILE A N   1 
ATOM   372 C  CA  . ILE A 1 44 ? 7.046   0.860   -5.298  1.00 16.14 ? 44  ILE A CA  1 
ATOM   373 C  C   . ILE A 1 44 ? 7.844   0.910   -6.597  1.00 15.41 ? 44  ILE A C   1 
ATOM   374 O  O   . ILE A 1 44 ? 9.005   0.503   -6.630  1.00 16.62 ? 44  ILE A O   1 
ATOM   375 C  CB  . ILE A 1 44 ? 6.152   -0.395  -5.271  1.00 15.70 ? 44  ILE A CB  1 
ATOM   376 C  CG1 . ILE A 1 44 ? 5.535   -0.540  -3.875  1.00 14.03 ? 44  ILE A CG1 1 
ATOM   377 C  CG2 . ILE A 1 44 ? 6.971   -1.645  -5.617  1.00 15.29 ? 44  ILE A CG2 1 
ATOM   378 C  CD1 . ILE A 1 44 ? 4.436   -1.594  -3.779  1.00 17.83 ? 44  ILE A CD1 1 
ATOM   379 N  N   . ALA A 1 45 ? 7.223   1.421   -7.656  1.00 15.63 ? 45  ALA A N   1 
ATOM   380 C  CA  . ALA A 1 45 ? 7.892   1.540   -8.948  1.00 16.36 ? 45  ALA A CA  1 
ATOM   381 C  C   . ALA A 1 45 ? 9.136   2.410   -8.792  1.00 16.89 ? 45  ALA A C   1 
ATOM   382 O  O   . ALA A 1 45 ? 10.223  2.044   -9.249  1.00 15.98 ? 45  ALA A O   1 
ATOM   383 C  CB  . ALA A 1 45 ? 6.946   2.147   -9.983  1.00 16.11 ? 45  ALA A CB  1 
ATOM   384 N  N   . VAL A 1 46 ? 8.991   3.560   -8.137  1.00 15.90 ? 46  VAL A N   1 
ATOM   385 C  CA  . VAL A 1 46 ? 10.141  4.435   -7.942  1.00 17.14 ? 46  VAL A CA  1 
ATOM   386 C  C   . VAL A 1 46 ? 11.236  3.747   -7.124  1.00 15.61 ? 46  VAL A C   1 
ATOM   387 O  O   . VAL A 1 46 ? 12.412  3.844   -7.463  1.00 16.62 ? 46  VAL A O   1 
ATOM   388 C  CB  . VAL A 1 46 ? 9.745   5.766   -7.256  1.00 16.54 ? 46  VAL A CB  1 
ATOM   389 C  CG1 . VAL A 1 46 ? 10.994  6.570   -6.936  1.00 19.80 ? 46  VAL A CG1 1 
ATOM   390 C  CG2 . VAL A 1 46 ? 8.840   6.568   -8.173  1.00 20.11 ? 46  VAL A CG2 1 
ATOM   391 N  N   . SER A 1 47 ? 10.854  3.047   -6.058  1.00 15.46 ? 47  SER A N   1 
ATOM   392 C  CA  . SER A 1 47 ? 11.826  2.338   -5.226  1.00 16.88 ? 47  SER A CA  1 
ATOM   393 C  C   . SER A 1 47 ? 12.657  1.376   -6.068  1.00 17.17 ? 47  SER A C   1 
ATOM   394 O  O   . SER A 1 47 ? 13.877  1.299   -5.922  1.00 18.04 ? 47  SER A O   1 
ATOM   395 C  CB  . SER A 1 47 ? 11.126  1.531   -4.125  1.00 16.74 ? 47  SER A CB  1 
ATOM   396 O  OG  . SER A 1 47 ? 10.388  2.366   -3.257  1.00 22.72 ? 47  SER A OG  1 
ATOM   397 N  N   . LEU A 1 48 ? 11.982  0.643   -6.947  1.00 16.24 ? 48  LEU A N   1 
ATOM   398 C  CA  . LEU A 1 48 ? 12.630  -0.338  -7.815  1.00 16.47 ? 48  LEU A CA  1 
ATOM   399 C  C   . LEU A 1 48 ? 13.270  0.277   -9.065  1.00 17.69 ? 48  LEU A C   1 
ATOM   400 O  O   . LEU A 1 48 ? 13.878  -0.433  -9.864  1.00 15.86 ? 48  LEU A O   1 
ATOM   401 C  CB  . LEU A 1 48 ? 11.608  -1.390  -8.255  1.00 16.16 ? 48  LEU A CB  1 
ATOM   402 C  CG  . LEU A 1 48 ? 10.898  -2.219  -7.175  1.00 14.70 ? 48  LEU A CG  1 
ATOM   403 C  CD1 . LEU A 1 48 ? 9.770   -3.011  -7.803  1.00 15.62 ? 48  LEU A CD1 1 
ATOM   404 C  CD2 . LEU A 1 48 ? 11.877  -3.129  -6.493  1.00 16.31 ? 48  LEU A CD2 1 
ATOM   405 N  N   . GLU A 1 49 ? 13.137  1.595   -9.216  1.00 17.58 ? 49  GLU A N   1 
ATOM   406 C  CA  . GLU A 1 49 ? 13.654  2.316   -10.380 1.00 17.10 ? 49  GLU A CA  1 
ATOM   407 C  C   . GLU A 1 49 ? 13.049  1.743   -11.664 1.00 18.60 ? 49  GLU A C   1 
ATOM   408 O  O   . GLU A 1 49 ? 13.713  1.602   -12.694 1.00 19.53 ? 49  GLU A O   1 
ATOM   409 C  CB  . GLU A 1 49 ? 15.190  2.275   -10.408 1.00 15.64 ? 49  GLU A CB  1 
ATOM   410 C  CG  . GLU A 1 49 ? 15.808  2.731   -9.082  1.00 17.43 ? 49  GLU A CG  1 
ATOM   411 C  CD  . GLU A 1 49 ? 17.291  3.062   -9.162  1.00 19.99 ? 49  GLU A CD  1 
ATOM   412 O  OE1 . GLU A 1 49 ? 17.979  2.543   -10.067 1.00 19.69 ? 49  GLU A OE1 1 
ATOM   413 O  OE2 . GLU A 1 49 ? 17.772  3.836   -8.301  1.00 20.61 ? 49  GLU A OE2 1 
ATOM   414 N  N   . GLU A 1 50 ? 11.760  1.425   -11.578 1.00 17.06 ? 50  GLU A N   1 
ATOM   415 C  CA  . GLU A 1 50 ? 10.983  0.882   -12.688 1.00 17.71 ? 50  GLU A CA  1 
ATOM   416 C  C   . GLU A 1 50 ? 9.992   1.949   -13.154 1.00 18.37 ? 50  GLU A C   1 
ATOM   417 O  O   . GLU A 1 50 ? 9.654   2.854   -12.397 1.00 20.78 ? 50  GLU A O   1 
ATOM   418 C  CB  . GLU A 1 50 ? 10.207  -0.352  -12.224 1.00 17.69 ? 50  GLU A CB  1 
ATOM   419 C  CG  . GLU A 1 50 ? 11.085  -1.541  -11.929 1.00 16.61 ? 50  GLU A CG  1 
ATOM   420 C  CD  . GLU A 1 50 ? 11.498  -2.257  -13.191 1.00 13.73 ? 50  GLU A CD  1 
ATOM   421 O  OE1 . GLU A 1 50 ? 10.685  -3.044  -13.720 1.00 14.29 ? 50  GLU A OE1 1 
ATOM   422 O  OE2 . GLU A 1 50 ? 12.625  -2.021  -13.666 1.00 16.00 ? 50  GLU A OE2 1 
ATOM   423 N  N   . GLU A 1 51 ? 9.518   1.836   -14.390 1.00 20.07 ? 51  GLU A N   1 
ATOM   424 C  CA  . GLU A 1 51 ? 8.562   2.805   -14.919 1.00 23.59 ? 51  GLU A CA  1 
ATOM   425 C  C   . GLU A 1 51 ? 7.195   2.696   -14.260 1.00 23.12 ? 51  GLU A C   1 
ATOM   426 O  O   . GLU A 1 51 ? 6.579   3.705   -13.916 1.00 23.96 ? 51  GLU A O   1 
ATOM   427 C  CB  . GLU A 1 51 ? 8.429   2.642   -16.430 1.00 26.69 ? 51  GLU A CB  1 
ATOM   428 C  CG  . GLU A 1 51 ? 9.644   3.158   -17.160 1.00 33.03 ? 51  GLU A CG  1 
ATOM   429 C  CD  . GLU A 1 51 ? 9.984   4.575   -16.741 1.00 37.03 ? 51  GLU A CD  1 
ATOM   430 O  OE1 . GLU A 1 51 ? 9.253   5.507   -17.139 1.00 38.25 ? 51  GLU A OE1 1 
ATOM   431 O  OE2 . GLU A 1 51 ? 10.976  4.754   -16.002 1.00 40.30 ? 51  GLU A OE2 1 
ATOM   432 N  N   . ARG A 1 52 ? 6.719   1.471   -14.089 1.00 22.34 ? 52  ARG A N   1 
ATOM   433 C  CA  . ARG A 1 52 ? 5.426   1.254   -13.458 1.00 21.71 ? 52  ARG A CA  1 
ATOM   434 C  C   . ARG A 1 52 ? 5.397   -0.043  -12.657 1.00 19.83 ? 52  ARG A C   1 
ATOM   435 O  O   . ARG A 1 52 ? 6.191   -0.949  -12.893 1.00 19.07 ? 52  ARG A O   1 
ATOM   436 C  CB  . ARG A 1 52 ? 4.322   1.232   -14.512 1.00 23.19 ? 52  ARG A CB  1 
ATOM   437 C  CG  . ARG A 1 52 ? 4.485   0.162   -15.568 1.00 28.41 ? 52  ARG A CG  1 
ATOM   438 C  CD  . ARG A 1 52 ? 3.243   0.077   -16.439 1.00 32.97 ? 52  ARG A CD  1 
ATOM   439 N  NE  . ARG A 1 52 ? 3.405   -0.903  -17.508 1.00 36.87 ? 52  ARG A NE  1 
ATOM   440 C  CZ  . ARG A 1 52 ? 4.239   -0.754  -18.532 1.00 37.96 ? 52  ARG A CZ  1 
ATOM   441 N  NH1 . ARG A 1 52 ? 4.983   0.340   -18.627 1.00 39.22 ? 52  ARG A NH1 1 
ATOM   442 N  NH2 . ARG A 1 52 ? 4.333   -1.703  -19.455 1.00 38.69 ? 52  ARG A NH2 1 
ATOM   443 N  N   . ALA A 1 53 ? 4.484   -0.113  -11.694 1.00 17.32 ? 53  ALA A N   1 
ATOM   444 C  CA  . ALA A 1 53 ? 4.323   -1.298  -10.864 1.00 17.29 ? 53  ALA A CA  1 
ATOM   445 C  C   . ALA A 1 53 ? 2.826   -1.505  -10.681 1.00 16.77 ? 53  ALA A C   1 
ATOM   446 O  O   . ALA A 1 53 ? 2.064   -0.545  -10.652 1.00 18.25 ? 53  ALA A O   1 
ATOM   447 C  CB  . ALA A 1 53 ? 4.994   -1.102  -9.511  1.00 16.05 ? 53  ALA A CB  1 
ATOM   448 N  N   . GLU A 1 54 ? 2.412   -2.760  -10.584 1.00 17.32 ? 54  GLU A N   1 
ATOM   449 C  CA  . GLU A 1 54 ? 1.006   -3.079  -10.408 1.00 19.83 ? 54  GLU A CA  1 
ATOM   450 C  C   . GLU A 1 54 ? 0.827   -4.133  -9.344  1.00 16.59 ? 54  GLU A C   1 
ATOM   451 O  O   . GLU A 1 54 ? 1.560   -5.116  -9.297  1.00 18.93 ? 54  GLU A O   1 
ATOM   452 C  CB  . GLU A 1 54 ? 0.393   -3.587  -11.717 1.00 22.92 ? 54  GLU A CB  1 
ATOM   453 C  CG  . GLU A 1 54 ? -0.470  -2.566  -12.449 1.00 32.66 ? 54  GLU A CG  1 
ATOM   454 C  CD  . GLU A 1 54 ? 0.330   -1.418  -13.036 1.00 35.18 ? 54  GLU A CD  1 
ATOM   455 O  OE1 . GLU A 1 54 ? 1.077   -1.645  -14.017 1.00 40.02 ? 54  GLU A OE1 1 
ATOM   456 O  OE2 . GLU A 1 54 ? 0.211   -0.286  -12.517 1.00 38.15 ? 54  GLU A OE2 1 
ATOM   457 N  N   . VAL A 1 55 ? -0.142  -3.912  -8.470  1.00 17.46 ? 55  VAL A N   1 
ATOM   458 C  CA  . VAL A 1 55 ? -0.440  -4.877  -7.431  1.00 16.20 ? 55  VAL A CA  1 
ATOM   459 C  C   . VAL A 1 55 ? -1.308  -5.936  -8.104  1.00 16.14 ? 55  VAL A C   1 
ATOM   460 O  O   . VAL A 1 55 ? -2.419  -5.636  -8.525  1.00 18.73 ? 55  VAL A O   1 
ATOM   461 C  CB  . VAL A 1 55 ? -1.215  -4.205  -6.278  1.00 17.19 ? 55  VAL A CB  1 
ATOM   462 C  CG1 . VAL A 1 55 ? -1.711  -5.248  -5.284  1.00 15.92 ? 55  VAL A CG1 1 
ATOM   463 C  CG2 . VAL A 1 55 ? -0.304  -3.204  -5.580  1.00 17.40 ? 55  VAL A CG2 1 
ATOM   464 N  N   . VAL A 1 56 ? -0.792  -7.155  -8.237  1.00 16.86 ? 56  VAL A N   1 
ATOM   465 C  CA  . VAL A 1 56 ? -1.566  -8.225  -8.871  1.00 18.37 ? 56  VAL A CA  1 
ATOM   466 C  C   . VAL A 1 56 ? -2.189  -9.149  -7.833  1.00 19.19 ? 56  VAL A C   1 
ATOM   467 O  O   . VAL A 1 56 ? -2.960  -10.056 -8.162  1.00 18.54 ? 56  VAL A O   1 
ATOM   468 C  CB  . VAL A 1 56 ? -0.708  -9.070  -9.839  1.00 18.52 ? 56  VAL A CB  1 
ATOM   469 C  CG1 . VAL A 1 56 ? -0.276  -8.218  -11.020 1.00 18.87 ? 56  VAL A CG1 1 
ATOM   470 C  CG2 . VAL A 1 56 ? 0.496   -9.657  -9.113  1.00 19.68 ? 56  VAL A CG2 1 
ATOM   471 N  N   . GLY A 1 57 ? -1.853  -8.921  -6.570  1.00 18.46 ? 57  GLY A N   1 
ATOM   472 C  CA  . GLY A 1 57 ? -2.422  -9.751  -5.531  1.00 18.14 ? 57  GLY A CA  1 
ATOM   473 C  C   . GLY A 1 57 ? -2.000  -9.361  -4.135  1.00 17.84 ? 57  GLY A C   1 
ATOM   474 O  O   . GLY A 1 57 ? -1.084  -8.566  -3.940  1.00 16.52 ? 57  GLY A O   1 
ATOM   475 N  N   . LEU A 1 58 ? -2.710  -9.901  -3.156  1.00 18.07 ? 58  LEU A N   1 
ATOM   476 C  CA  . LEU A 1 58 ? -2.388  -9.655  -1.769  1.00 19.59 ? 58  LEU A CA  1 
ATOM   477 C  C   . LEU A 1 58 ? -3.027  -10.725 -0.901  1.00 21.82 ? 58  LEU A C   1 
ATOM   478 O  O   . LEU A 1 58 ? -4.205  -11.044 -1.058  1.00 19.84 ? 58  LEU A O   1 
ATOM   479 C  CB  . LEU A 1 58 ? -2.836  -8.251  -1.338  1.00 22.69 ? 58  LEU A CB  1 
ATOM   480 C  CG  . LEU A 1 58 ? -4.243  -7.716  -1.570  1.00 24.86 ? 58  LEU A CG  1 
ATOM   481 C  CD1 . LEU A 1 58 ? -4.409  -6.414  -0.797  1.00 28.71 ? 58  LEU A CD1 1 
ATOM   482 C  CD2 . LEU A 1 58 ? -4.480  -7.482  -3.056  1.00 30.20 ? 58  LEU A CD2 1 
ATOM   483 N  N   . GLU A 1 59 ? -2.213  -11.310 -0.027  1.00 22.71 ? 59  GLU A N   1 
ATOM   484 C  CA  . GLU A 1 59 ? -2.657  -12.340 0.902   1.00 23.08 ? 59  GLU A CA  1 
ATOM   485 C  C   . GLU A 1 59 ? -2.382  -11.790 2.294   1.00 23.62 ? 59  GLU A C   1 
ATOM   486 O  O   . GLU A 1 59 ? -1.243  -11.446 2.608   1.00 22.36 ? 59  GLU A O   1 
ATOM   487 C  CB  . GLU A 1 59 ? -1.851  -13.634 0.729   1.00 26.87 ? 59  GLU A CB  1 
ATOM   488 C  CG  . GLU A 1 59 ? -1.937  -14.296 -0.639  1.00 30.16 ? 59  GLU A CG  1 
ATOM   489 C  CD  . GLU A 1 59 ? -1.114  -13.587 -1.693  1.00 32.94 ? 59  GLU A CD  1 
ATOM   490 O  OE1 . GLU A 1 59 ? 0.053   -13.246 -1.397  1.00 32.25 ? 59  GLU A OE1 1 
ATOM   491 O  OE2 . GLU A 1 59 ? -1.627  -13.383 -2.817  1.00 32.76 ? 59  GLU A OE2 1 
ATOM   492 N  N   . GLY A 1 60 ? -3.409  -11.701 3.131   1.00 21.90 ? 60  GLY A N   1 
ATOM   493 C  CA  . GLY A 1 60 ? -3.178  -11.193 4.470   1.00 21.51 ? 60  GLY A CA  1 
ATOM   494 C  C   . GLY A 1 60 ? -4.382  -11.304 5.372   1.00 21.82 ? 60  GLY A C   1 
ATOM   495 O  O   . GLY A 1 60 ? -5.238  -12.177 5.193   1.00 21.04 ? 60  GLY A O   1 
ATOM   496 N  N   . ALA A 1 61 ? -4.438  -10.414 6.355   1.00 20.33 ? 61  ALA A N   1 
ATOM   497 C  CA  . ALA A 1 61 ? -5.534  -10.392 7.313   1.00 20.61 ? 61  ALA A CA  1 
ATOM   498 C  C   . ALA A 1 61 ? -6.190  -9.016  7.332   1.00 21.42 ? 61  ALA A C   1 
ATOM   499 O  O   . ALA A 1 61 ? -5.503  -7.991  7.365   1.00 22.05 ? 61  ALA A O   1 
ATOM   500 C  CB  . ALA A 1 61 ? -5.018  -10.741 8.696   1.00 21.03 ? 61  ALA A CB  1 
ATOM   501 N  N   . LEU A 1 62 ? -7.519  -9.011  7.303   1.00 17.72 ? 62  LEU A N   1 
ATOM   502 C  CA  . LEU A 1 62 ? -8.310  -7.787  7.326   1.00 18.14 ? 62  LEU A CA  1 
ATOM   503 C  C   . LEU A 1 62 ? -8.790  -7.565  8.752   1.00 17.77 ? 62  LEU A C   1 
ATOM   504 O  O   . LEU A 1 62 ? -9.256  -8.501  9.394   1.00 16.76 ? 62  LEU A O   1 
ATOM   505 C  CB  . LEU A 1 62 ? -9.554  -7.921  6.437   1.00 19.21 ? 62  LEU A CB  1 
ATOM   506 C  CG  . LEU A 1 62 ? -9.483  -7.848  4.914   1.00 22.11 ? 62  LEU A CG  1 
ATOM   507 C  CD1 . LEU A 1 62 ? -10.881 -8.054  4.344   1.00 23.55 ? 62  LEU A CD1 1 
ATOM   508 C  CD2 . LEU A 1 62 ? -8.916  -6.498  4.487   1.00 22.99 ? 62  LEU A CD2 1 
ATOM   509 N  N   . GLU A 1 63 ? -8.660  -6.334  9.239   1.00 16.99 ? 63  GLU A N   1 
ATOM   510 C  CA  . GLU A 1 63 ? -9.134  -5.968  10.573  1.00 17.38 ? 63  GLU A CA  1 
ATOM   511 C  C   . GLU A 1 63 ? -10.472 -5.306  10.304  1.00 16.24 ? 63  GLU A C   1 
ATOM   512 O  O   . GLU A 1 63 ? -10.544 -4.338  9.542   1.00 15.07 ? 63  GLU A O   1 
ATOM   513 C  CB  . GLU A 1 63 ? -8.205  -4.948  11.243  1.00 19.46 ? 63  GLU A CB  1 
ATOM   514 C  CG  . GLU A 1 63 ? -6.749  -5.350  11.309  1.00 26.45 ? 63  GLU A CG  1 
ATOM   515 C  CD  . GLU A 1 63 ? -6.553  -6.727  11.884  1.00 28.10 ? 63  GLU A CD  1 
ATOM   516 O  OE1 . GLU A 1 63 ? -7.246  -7.065  12.865  1.00 31.51 ? 63  GLU A OE1 1 
ATOM   517 O  OE2 . GLU A 1 63 ? -5.700  -7.471  11.357  1.00 31.18 ? 63  GLU A OE2 1 
ATOM   518 N  N   . ILE A 1 64 ? -11.522 -5.815  10.939  1.00 15.01 ? 64  ILE A N   1 
ATOM   519 C  CA  . ILE A 1 64 ? -12.862 -5.297  10.720  1.00 15.32 ? 64  ILE A CA  1 
ATOM   520 C  C   . ILE A 1 64 ? -13.517 -4.696  11.954  1.00 14.31 ? 64  ILE A C   1 
ATOM   521 O  O   . ILE A 1 64 ? -13.389 -5.222  13.060  1.00 16.99 ? 64  ILE A O   1 
ATOM   522 C  CB  . ILE A 1 64 ? -13.805 -6.427  10.208  1.00 16.57 ? 64  ILE A CB  1 
ATOM   523 C  CG1 . ILE A 1 64 ? -13.309 -6.968  8.863   1.00 16.51 ? 64  ILE A CG1 1 
ATOM   524 C  CG2 . ILE A 1 64 ? -15.236 -5.918  10.125  1.00 20.09 ? 64  ILE A CG2 1 
ATOM   525 C  CD1 . ILE A 1 64 ? -13.450 -6.016  7.710   1.00 17.15 ? 64  ILE A CD1 1 
ATOM   526 N  N   . GLU A 1 65 ? -14.226 -3.597  11.734  1.00 15.48 ? 65  GLU A N   1 
ATOM   527 C  CA  . GLU A 1 65 ? -14.985 -2.917  12.776  1.00 18.43 ? 65  GLU A CA  1 
ATOM   528 C  C   . GLU A 1 65 ? -16.431 -2.935  12.283  1.00 15.95 ? 65  GLU A C   1 
ATOM   529 O  O   . GLU A 1 65 ? -16.740 -2.351  11.243  1.00 17.05 ? 65  GLU A O   1 
ATOM   530 C  CB  . GLU A 1 65 ? -14.505 -1.472  12.937  1.00 22.21 ? 65  GLU A CB  1 
ATOM   531 C  CG  . GLU A 1 65 ? -13.924 -1.190  14.301  1.00 29.76 ? 65  GLU A CG  1 
ATOM   532 C  CD  . GLU A 1 65 ? -14.931 -1.400  15.413  1.00 33.44 ? 65  GLU A CD  1 
ATOM   533 O  OE1 . GLU A 1 65 ? -14.525 -1.405  16.595  1.00 36.05 ? 65  GLU A OE1 1 
ATOM   534 O  OE2 . GLU A 1 65 ? -16.130 -1.556  15.106  1.00 36.55 ? 65  GLU A OE2 1 
ATOM   535 N  N   . ALA A 1 66 ? -17.313 -3.622  13.004  1.00 17.21 ? 66  ALA A N   1 
ATOM   536 C  CA  . ALA A 1 66 ? -18.710 -3.705  12.586  1.00 16.12 ? 66  ALA A CA  1 
ATOM   537 C  C   . ALA A 1 66 ? -19.667 -3.211  13.658  1.00 18.39 ? 66  ALA A C   1 
ATOM   538 O  O   . ALA A 1 66 ? -19.369 -3.276  14.851  1.00 16.29 ? 66  ALA A O   1 
ATOM   539 C  CB  . ALA A 1 66 ? -19.064 -5.139  12.207  1.00 14.57 ? 66  ALA A CB  1 
ATOM   540 N  N   . ALA A 1 67 ? -20.823 -2.725  13.211  1.00 17.95 ? 67  ALA A N   1 
ATOM   541 C  CA  . ALA A 1 67 ? -21.852 -2.219  14.107  1.00 18.68 ? 67  ALA A CA  1 
ATOM   542 C  C   . ALA A 1 67 ? -23.226 -2.664  13.606  1.00 20.14 ? 67  ALA A C   1 
ATOM   543 O  O   . ALA A 1 67 ? -23.338 -3.021  12.409  1.00 19.36 ? 67  ALA A O   1 
ATOM   544 C  CB  . ALA A 1 67 ? -21.777 -0.701  14.171  1.00 19.67 ? 67  ALA A CB  1 
ATOM   545 O  OXT . ALA A 1 67 ? -24.180 -2.648  14.412  1.00 20.37 ? 67  ALA A OXT 1 
HETATM 546 O  O   . HOH B 2 .  ? 7.940   -4.917  2.906   1.00 13.96 ? 68  HOH A O   1 
HETATM 547 O  O   . HOH B 2 .  ? 10.384  -10.242 -3.668  1.00 24.19 ? 69  HOH A O   1 
HETATM 548 O  O   . HOH B 2 .  ? 3.299   2.339   -11.263 1.00 17.55 ? 70  HOH A O   1 
HETATM 549 O  O   . HOH B 2 .  ? 9.224   5.648   -3.817  1.00 24.60 ? 71  HOH A O   1 
HETATM 550 O  O   . HOH B 2 .  ? 3.498   7.582   -4.434  1.00 24.30 ? 72  HOH A O   1 
HETATM 551 O  O   . HOH B 2 .  ? 8.767   -7.675  2.523   1.00 22.66 ? 73  HOH A O   1 
HETATM 552 O  O   . HOH B 2 .  ? -8.787  9.800   -2.517  1.00 32.86 ? 74  HOH A O   1 
HETATM 553 O  O   . HOH B 2 .  ? 16.211  1.632   -13.753 1.00 24.28 ? 75  HOH A O   1 
HETATM 554 O  O   . HOH B 2 .  ? 4.046   -0.932  10.032  1.00 22.24 ? 76  HOH A O   1 
HETATM 555 O  O   . HOH B 2 .  ? 14.859  -1.610  -12.088 1.00 26.74 ? 77  HOH A O   1 
HETATM 556 O  O   . HOH B 2 .  ? -8.541  -0.387  -9.139  1.00 25.56 ? 78  HOH A O   1 
HETATM 557 O  O   . HOH B 2 .  ? -5.434  13.969  3.641   1.00 39.01 ? 79  HOH A O   1 
HETATM 558 O  O   . HOH B 2 .  ? 6.075   5.734   -10.429 1.00 29.80 ? 80  HOH A O   1 
HETATM 559 O  O   . HOH B 2 .  ? 8.868   5.522   -11.518 1.00 27.56 ? 81  HOH A O   1 
HETATM 560 O  O   . HOH B 2 .  ? 6.918   6.429   -14.817 1.00 31.94 ? 82  HOH A O   1 
HETATM 561 O  O   . HOH B 2 .  ? 4.640   4.425   -12.121 1.00 24.36 ? 83  HOH A O   1 
HETATM 562 O  O   . HOH B 2 .  ? 11.549  5.368   6.173   1.00 27.68 ? 84  HOH A O   1 
HETATM 563 O  O   . HOH B 2 .  ? 7.235   7.876   -4.688  1.00 30.30 ? 85  HOH A O   1 
HETATM 564 O  O   . HOH B 2 .  ? 7.542   9.643   -6.680  1.00 33.35 ? 86  HOH A O   1 
HETATM 565 O  O   . HOH B 2 .  ? 11.979  3.023   -1.122  1.00 27.11 ? 87  HOH A O   1 
HETATM 566 O  O   . HOH B 2 .  ? 3.378   8.524   4.466   1.00 35.14 ? 88  HOH A O   1 
HETATM 567 O  O   . HOH B 2 .  ? -3.551  9.256   5.725   1.00 29.56 ? 89  HOH A O   1 
HETATM 568 O  O   . HOH B 2 .  ? -3.615  5.694   9.034   1.00 28.37 ? 90  HOH A O   1 
HETATM 569 O  O   . HOH B 2 .  ? 13.139  -3.326  6.577   1.00 34.11 ? 91  HOH A O   1 
HETATM 570 O  O   . HOH B 2 .  ? 10.250  3.828   7.947   1.00 38.18 ? 92  HOH A O   1 
HETATM 571 O  O   . HOH B 2 .  ? -4.339  11.495  4.028   1.00 39.04 ? 93  HOH A O   1 
HETATM 572 O  O   . HOH B 2 .  ? 1.537   -13.866 -14.766 1.00 39.02 ? 94  HOH A O   1 
HETATM 573 O  O   . HOH B 2 .  ? -10.096 8.402   -5.255  1.00 39.69 ? 95  HOH A O   1 
HETATM 574 O  O   . HOH B 2 .  ? 0.738   1.932   8.010   1.00 34.64 ? 96  HOH A O   1 
HETATM 575 O  O   . HOH B 2 .  ? -17.985 0.444   11.644  1.00 39.07 ? 97  HOH A O   1 
HETATM 576 O  O   . HOH B 2 .  ? 12.299  -5.322  8.672   1.00 42.13 ? 98  HOH A O   1 
HETATM 577 O  O   . HOH B 2 .  ? 5.172   11.103  -6.192  1.00 35.21 ? 99  HOH A O   1 
HETATM 578 O  O   . HOH B 2 .  ? 18.267  0.443   -11.692 1.00 34.08 ? 100 HOH A O   1 
# 
